data_3U6K
#
_entry.id   3U6K
#
_cell.length_a   80.372
_cell.length_b   82.216
_cell.length_c   129.900
_cell.angle_alpha   90.00
_cell.angle_beta   90.00
_cell.angle_gamma   90.00
#
_symmetry.space_group_name_H-M   'P 21 21 21'
#
loop_
_entity.id
_entity.type
_entity.pdbx_description
1 polymer 'Elongation factor Tu 1'
2 polymer 'Thiocillin GE2270 analogue NVP-LDK733'
3 non-polymer "GUANOSINE-5'-DIPHOSPHATE"
4 non-polymer 'MAGNESIUM ION'
5 water water
#
loop_
_entity_poly.entity_id
_entity_poly.type
_entity_poly.pdbx_seq_one_letter_code
_entity_poly.pdbx_strand_id
1 'polypeptide(L)'
;MAKEKFERTKPHVNVGTIGHVDHGKTTLTAAITTVLAKTYGGAARAFDQIDNAPEEKARGITINTSHVEYDTPTRHYAHV
DCPGHADYVKNMITGAAQMDGAILVVAATDGPMPQTREHILLGRQVGVPYIIVFLNKCDMVDDEELLELVEMEVRELLSQ
YDFPGDDTPIVRGSALKALEGDAEWEAKILELAGFLDSYIPEPERAIDKPFLLPIEDVFSISGRGTVVTGRVERGIIKVG
EEVEIVGIKETQKSTCTGVEMFRKLLDEGRAGENVGVLLRGIKREEIERGQVLAKPGTIKPHTKFESEVYILSKDEGGRH
TPFFKGYRPQFYFRTTDVTGTIELPEGVEMVMPGDNIKMVVTLIHPIAMDDGLRFAIREGGRTVGAGVVAKVLG
;
A,B
2 'polypeptide(L)' S(BB9)(MEN)(BB6)V(BB7)G(BB8)(BB9)(BB9)(MH6)(9BB) C,D
#
loop_
_chem_comp.id
_chem_comp.type
_chem_comp.name
_chem_comp.formula
9BB peptide-like 'trans-4-({[(E)-1-amino-2-sulfanylethenyl]carbamoyl}oxy)cyclohexanecarboxylic acid' 'C10 H16 N2 O4 S'
GDP RNA linking GUANOSINE-5'-DIPHOSPHATE 'C10 H15 N5 O11 P2'
MG non-polymer 'MAGNESIUM ION' 'Mg 2'
#
# COMPACT_ATOMS: atom_id res chain seq x y z
N THR A 9 28.44 -12.30 -7.71
CA THR A 9 27.74 -12.63 -8.99
C THR A 9 26.33 -11.99 -9.07
N LYS A 10 25.73 -12.00 -10.27
CA LYS A 10 24.63 -11.09 -10.61
C LYS A 10 23.39 -11.25 -9.75
N PRO A 11 22.50 -10.24 -9.77
CA PRO A 11 21.17 -10.34 -9.16
C PRO A 11 20.23 -11.26 -9.96
N HIS A 12 19.34 -11.94 -9.26
CA HIS A 12 18.52 -12.95 -9.88
C HIS A 12 17.07 -12.53 -10.01
N VAL A 13 16.51 -12.74 -11.20
CA VAL A 13 15.12 -12.35 -11.47
C VAL A 13 14.33 -13.52 -12.05
N ASN A 14 13.11 -13.70 -11.56
CA ASN A 14 12.24 -14.74 -12.08
C ASN A 14 11.22 -14.21 -13.06
N VAL A 15 11.38 -14.60 -14.31
CA VAL A 15 10.37 -14.36 -15.34
C VAL A 15 9.85 -15.67 -15.93
N GLY A 16 8.68 -15.62 -16.54
CA GLY A 16 8.33 -16.62 -17.55
C GLY A 16 7.45 -16.02 -18.65
N THR A 17 7.14 -16.83 -19.65
CA THR A 17 6.26 -16.43 -20.75
C THR A 17 4.83 -16.86 -20.48
N ILE A 18 3.90 -15.92 -20.59
CA ILE A 18 2.51 -16.24 -20.37
C ILE A 18 1.70 -15.81 -21.58
N GLY A 19 0.48 -16.31 -21.69
CA GLY A 19 -0.34 -16.01 -22.84
C GLY A 19 -0.93 -17.22 -23.56
N HIS A 20 -1.90 -16.95 -24.42
CA HIS A 20 -2.73 -17.97 -25.04
C HIS A 20 -1.95 -18.95 -25.90
N VAL A 21 -2.55 -20.11 -26.12
CA VAL A 21 -1.85 -21.26 -26.69
C VAL A 21 -1.41 -21.09 -28.16
N ASP A 22 -0.24 -21.63 -28.49
CA ASP A 22 0.39 -21.51 -29.81
C ASP A 22 0.54 -20.05 -30.33
N HIS A 23 0.62 -19.09 -29.41
CA HIS A 23 1.02 -17.72 -29.75
C HIS A 23 2.53 -17.56 -29.79
N GLY A 24 3.27 -18.55 -29.30
CA GLY A 24 4.72 -18.51 -29.46
C GLY A 24 5.56 -18.54 -28.19
N LYS A 25 4.92 -18.72 -27.05
CA LYS A 25 5.63 -18.64 -25.78
C LYS A 25 6.86 -19.53 -25.76
N THR A 26 6.80 -20.68 -26.41
CA THR A 26 7.88 -21.67 -26.28
C THR A 26 9.01 -21.39 -27.26
N THR A 27 8.63 -20.77 -28.39
CA THR A 27 9.60 -20.49 -29.42
C THR A 27 10.35 -19.20 -29.01
N LEU A 28 9.59 -18.20 -28.57
CA LEU A 28 10.18 -17.02 -27.97
C LEU A 28 11.19 -17.43 -26.90
N THR A 29 10.78 -18.34 -26.02
CA THR A 29 11.64 -18.73 -24.92
C THR A 29 12.93 -19.35 -25.44
N ALA A 30 12.85 -20.13 -26.51
CA ALA A 30 14.06 -20.72 -27.03
C ALA A 30 14.85 -19.65 -27.79
N ALA A 31 14.13 -18.76 -28.48
CA ALA A 31 14.79 -17.74 -29.27
C ALA A 31 15.71 -16.92 -28.38
N ILE A 32 15.16 -16.46 -27.25
CA ILE A 32 15.92 -15.71 -26.26
C ILE A 32 17.20 -16.43 -25.89
N THR A 33 17.05 -17.64 -25.38
CA THR A 33 18.18 -18.39 -24.86
C THR A 33 19.22 -18.59 -25.96
N THR A 34 18.77 -18.46 -27.21
CA THR A 34 19.61 -18.75 -28.37
C THR A 34 20.23 -17.47 -28.93
N VAL A 35 19.47 -16.38 -28.91
CA VAL A 35 20.03 -15.06 -29.19
C VAL A 35 21.10 -14.72 -28.15
N LEU A 36 20.70 -14.55 -26.90
CA LEU A 36 21.65 -14.14 -25.87
C LEU A 36 22.84 -15.07 -25.80
N ALA A 37 22.69 -16.29 -26.31
CA ALA A 37 23.80 -17.24 -26.30
C ALA A 37 24.85 -16.85 -27.34
N LYS A 38 24.40 -16.62 -28.58
CA LYS A 38 25.28 -16.21 -29.68
C LYS A 38 25.77 -14.78 -29.50
N THR A 39 25.05 -13.99 -28.71
CA THR A 39 25.51 -12.68 -28.32
C THR A 39 26.54 -12.77 -27.20
N TYR A 40 26.07 -12.76 -25.95
CA TYR A 40 26.99 -12.74 -24.82
C TYR A 40 27.61 -14.10 -24.54
N GLY A 41 26.99 -15.17 -25.01
CA GLY A 41 27.54 -16.50 -24.79
C GLY A 41 26.80 -17.21 -23.67
N GLY A 42 27.24 -18.43 -23.38
CA GLY A 42 26.55 -19.26 -22.42
C GLY A 42 25.95 -20.51 -23.06
N ALA A 43 24.70 -20.80 -22.71
CA ALA A 43 24.02 -22.00 -23.20
C ALA A 43 22.77 -21.64 -23.96
N ALA A 44 22.66 -22.17 -25.17
CA ALA A 44 21.46 -22.03 -25.99
C ALA A 44 20.59 -23.27 -25.83
N ARG A 45 19.31 -23.13 -26.09
CA ARG A 45 18.51 -24.31 -26.06
C ARG A 45 17.30 -24.53 -26.89
N ALA A 46 17.03 -25.81 -27.10
CA ALA A 46 16.14 -26.26 -28.18
C ALA A 46 14.66 -26.10 -27.91
N PHE A 47 13.95 -25.52 -28.86
CA PHE A 47 12.51 -25.57 -28.80
C PHE A 47 12.05 -26.99 -28.48
N ASP A 48 12.48 -27.95 -29.31
CA ASP A 48 12.19 -29.37 -29.08
C ASP A 48 12.29 -29.64 -27.56
N GLN A 49 13.43 -29.32 -26.96
CA GLN A 49 13.73 -29.75 -25.61
C GLN A 49 13.12 -28.85 -24.53
N ILE A 50 12.50 -27.74 -24.94
CA ILE A 50 11.75 -26.88 -24.04
C ILE A 50 10.26 -27.21 -24.05
N ASP A 51 9.73 -27.40 -25.25
CA ASP A 51 8.31 -27.67 -25.43
C ASP A 51 7.85 -28.95 -24.76
N ASN A 52 8.71 -29.97 -24.76
CA ASN A 52 8.37 -31.21 -24.09
C ASN A 52 8.76 -31.08 -22.63
N ALA A 53 7.99 -30.28 -21.89
CA ALA A 53 8.31 -29.94 -20.51
C ALA A 53 8.21 -31.12 -19.53
N PRO A 54 9.26 -31.34 -18.72
CA PRO A 54 9.24 -32.44 -17.75
C PRO A 54 8.24 -32.20 -16.63
N GLU A 55 7.76 -33.29 -16.06
CA GLU A 55 6.88 -33.23 -14.90
C GLU A 55 7.72 -33.15 -13.62
N GLU A 56 7.32 -32.25 -12.73
CA GLU A 56 7.86 -32.22 -11.38
C GLU A 56 6.71 -31.98 -10.42
N LYS A 57 6.81 -32.57 -9.22
CA LYS A 57 5.69 -32.55 -8.27
C LYS A 57 5.93 -31.56 -7.14
N ALA A 58 5.11 -30.52 -7.10
CA ALA A 58 5.01 -29.69 -5.91
C ALA A 58 3.92 -30.29 -5.03
N ARG A 59 4.33 -30.93 -3.94
CA ARG A 59 3.42 -31.53 -2.96
C ARG A 59 2.19 -32.23 -3.59
N GLY A 60 2.42 -33.34 -4.28
CA GLY A 60 1.32 -34.12 -4.83
C GLY A 60 0.86 -33.61 -6.19
N ILE A 61 0.85 -32.29 -6.32
CA ILE A 61 0.39 -31.65 -7.55
C ILE A 61 1.50 -31.73 -8.60
N THR A 62 1.19 -32.39 -9.70
CA THR A 62 2.16 -32.57 -10.77
C THR A 62 1.94 -31.42 -11.74
N ILE A 63 3.03 -30.77 -12.18
CA ILE A 63 2.95 -29.72 -13.17
C ILE A 63 4.02 -29.94 -14.22
N ASN A 64 3.66 -29.74 -15.48
CA ASN A 64 4.65 -29.79 -16.55
C ASN A 64 5.25 -28.41 -16.76
N THR A 65 6.57 -28.32 -16.56
CA THR A 65 7.26 -27.04 -16.47
C THR A 65 8.69 -27.17 -17.00
N SER A 66 9.03 -26.39 -18.03
CA SER A 66 10.43 -26.26 -18.44
C SER A 66 11.08 -25.04 -17.80
N HIS A 67 12.31 -25.20 -17.31
CA HIS A 67 13.04 -24.10 -16.69
C HIS A 67 14.32 -23.75 -17.44
N VAL A 68 14.31 -22.56 -18.04
CA VAL A 68 15.46 -22.07 -18.80
C VAL A 68 16.11 -20.86 -18.14
N GLU A 69 17.44 -20.81 -18.18
CA GLU A 69 18.14 -19.62 -17.72
C GLU A 69 18.94 -18.97 -18.85
N TYR A 70 18.96 -17.64 -18.82
CA TYR A 70 19.83 -16.87 -19.69
C TYR A 70 20.39 -15.64 -18.97
N ASP A 71 21.50 -15.11 -19.50
CA ASP A 71 22.18 -13.99 -18.88
C ASP A 71 22.25 -12.75 -19.77
N THR A 72 21.81 -11.63 -19.21
CA THR A 72 22.18 -10.31 -19.72
C THR A 72 23.44 -9.84 -18.98
N PRO A 73 23.94 -8.65 -19.30
CA PRO A 73 25.23 -8.25 -18.71
C PRO A 73 25.06 -7.96 -17.23
N THR A 74 23.87 -7.48 -16.88
CA THR A 74 23.60 -7.04 -15.52
C THR A 74 22.80 -8.06 -14.68
N ARG A 75 22.17 -9.03 -15.34
CA ARG A 75 21.20 -9.87 -14.65
C ARG A 75 21.20 -11.33 -15.08
N HIS A 76 20.97 -12.22 -14.12
CA HIS A 76 20.65 -13.62 -14.41
C HIS A 76 19.14 -13.81 -14.40
N TYR A 77 18.62 -14.58 -15.34
CA TYR A 77 17.17 -14.82 -15.44
C TYR A 77 16.81 -16.30 -15.40
N ALA A 78 15.86 -16.64 -14.54
CA ALA A 78 15.25 -17.96 -14.54
C ALA A 78 13.88 -17.82 -15.20
N HIS A 79 13.72 -18.49 -16.34
CA HIS A 79 12.51 -18.35 -17.15
C HIS A 79 11.67 -19.61 -17.02
N VAL A 80 10.39 -19.44 -16.81
CA VAL A 80 9.55 -20.60 -16.71
C VAL A 80 8.60 -20.65 -17.89
N ASP A 81 8.42 -21.84 -18.44
CA ASP A 81 7.54 -22.01 -19.59
C ASP A 81 6.85 -23.38 -19.60
N CYS A 82 5.54 -23.37 -19.84
CA CYS A 82 4.70 -24.54 -19.62
C CYS A 82 3.88 -24.83 -20.86
N PRO A 83 3.52 -26.09 -21.05
CA PRO A 83 2.79 -26.47 -22.26
C PRO A 83 1.29 -26.17 -22.26
N GLY A 84 0.58 -26.54 -21.21
CA GLY A 84 -0.86 -26.26 -21.20
C GLY A 84 -1.30 -25.11 -20.30
N HIS A 85 -2.41 -24.47 -20.64
CA HIS A 85 -3.07 -23.54 -19.74
C HIS A 85 -3.10 -24.07 -18.29
N ALA A 86 -3.42 -25.35 -18.12
CA ALA A 86 -3.55 -25.95 -16.79
C ALA A 86 -2.26 -25.86 -16.01
N ASP A 87 -1.14 -26.17 -16.66
CA ASP A 87 0.14 -25.96 -16.02
C ASP A 87 0.26 -24.52 -15.47
N TYR A 88 -0.21 -23.53 -16.23
CA TYR A 88 -0.05 -22.12 -15.83
C TYR A 88 -0.90 -21.81 -14.61
N VAL A 89 -2.15 -22.22 -14.65
CA VAL A 89 -2.98 -22.18 -13.45
C VAL A 89 -2.34 -22.80 -12.18
N LYS A 90 -1.91 -24.05 -12.26
CA LYS A 90 -1.37 -24.74 -11.10
C LYS A 90 -0.13 -24.04 -10.62
N ASN A 91 0.82 -23.83 -11.54
CA ASN A 91 2.04 -23.09 -11.24
C ASN A 91 1.78 -21.75 -10.57
N MET A 92 0.84 -20.97 -11.07
CA MET A 92 0.71 -19.61 -10.57
C MET A 92 0.07 -19.56 -9.20
N ILE A 93 -1.06 -20.24 -9.04
CA ILE A 93 -1.69 -20.30 -7.74
C ILE A 93 -0.76 -20.96 -6.68
N THR A 94 -0.07 -22.01 -7.09
CA THR A 94 0.76 -22.79 -6.19
C THR A 94 2.02 -22.10 -5.67
N GLY A 95 2.62 -21.24 -6.49
CA GLY A 95 3.88 -20.63 -6.11
C GLY A 95 5.10 -21.42 -6.59
N ALA A 96 4.86 -22.54 -7.24
CA ALA A 96 5.92 -23.41 -7.72
C ALA A 96 6.78 -22.63 -8.70
N ALA A 97 6.21 -21.54 -9.22
CA ALA A 97 6.87 -20.72 -10.21
C ALA A 97 6.57 -19.24 -10.00
N GLN A 98 7.00 -18.68 -8.88
CA GLN A 98 6.72 -17.27 -8.60
C GLN A 98 7.43 -16.45 -9.66
N MET A 99 6.84 -15.34 -10.05
CA MET A 99 7.44 -14.47 -11.07
C MET A 99 7.60 -13.04 -10.56
N ASP A 100 8.79 -12.47 -10.77
CA ASP A 100 9.03 -11.05 -10.53
C ASP A 100 8.55 -10.22 -11.71
N GLY A 101 8.46 -10.86 -12.89
CA GLY A 101 7.72 -10.30 -13.99
C GLY A 101 7.38 -11.33 -15.07
N ALA A 102 6.26 -11.12 -15.75
CA ALA A 102 5.86 -12.02 -16.83
C ALA A 102 6.01 -11.36 -18.22
N ILE A 103 6.43 -12.18 -19.19
CA ILE A 103 6.36 -11.79 -20.59
C ILE A 103 5.06 -12.32 -21.19
N LEU A 104 4.12 -11.40 -21.43
CA LEU A 104 2.86 -11.73 -22.09
C LEU A 104 3.03 -11.76 -23.62
N VAL A 105 3.10 -12.96 -24.19
CA VAL A 105 3.24 -13.13 -25.63
C VAL A 105 1.89 -13.15 -26.35
N VAL A 106 1.62 -12.13 -27.16
CA VAL A 106 0.43 -12.09 -28.01
C VAL A 106 0.76 -12.14 -29.50
N ALA A 107 0.11 -13.07 -30.21
CA ALA A 107 0.30 -13.26 -31.64
C ALA A 107 -0.27 -12.06 -32.38
N ALA A 108 0.49 -11.53 -33.33
CA ALA A 108 0.05 -10.40 -34.14
C ALA A 108 -1.27 -10.74 -34.89
N THR A 109 -1.30 -11.91 -35.52
CA THR A 109 -2.53 -12.49 -36.05
C THR A 109 -3.81 -12.31 -35.24
N ASP A 110 -3.94 -13.09 -34.17
CA ASP A 110 -5.25 -13.35 -33.55
C ASP A 110 -5.73 -12.24 -32.64
N GLY A 111 -4.80 -11.50 -32.05
CA GLY A 111 -5.17 -10.54 -31.04
C GLY A 111 -5.40 -11.25 -29.72
N PRO A 112 -5.76 -10.53 -28.67
CA PRO A 112 -5.97 -11.20 -27.38
C PRO A 112 -7.01 -12.31 -27.49
N MET A 113 -6.59 -13.52 -27.15
CA MET A 113 -7.48 -14.67 -27.12
C MET A 113 -7.74 -15.10 -25.67
N PRO A 114 -8.74 -15.98 -25.45
CA PRO A 114 -9.32 -16.22 -24.11
C PRO A 114 -8.34 -16.47 -22.97
N GLN A 115 -7.19 -17.03 -23.29
CA GLN A 115 -6.14 -17.26 -22.29
C GLN A 115 -5.34 -15.98 -22.05
N THR A 116 -5.25 -15.13 -23.06
CA THR A 116 -4.61 -13.83 -22.91
C THR A 116 -5.17 -13.09 -21.69
N ARG A 117 -6.50 -12.95 -21.65
CA ARG A 117 -7.17 -12.31 -20.53
C ARG A 117 -6.97 -13.06 -19.20
N GLU A 118 -7.08 -14.39 -19.25
CA GLU A 118 -7.06 -15.22 -18.05
C GLU A 118 -5.66 -15.18 -17.43
N HIS A 119 -4.63 -15.23 -18.27
CA HIS A 119 -3.26 -15.12 -17.78
C HIS A 119 -2.94 -13.75 -17.21
N ILE A 120 -3.58 -12.70 -17.70
CA ILE A 120 -3.45 -11.40 -17.05
C ILE A 120 -4.17 -11.34 -15.71
N LEU A 121 -5.42 -11.80 -15.68
CA LEU A 121 -6.23 -11.74 -14.46
C LEU A 121 -5.65 -12.60 -13.33
N LEU A 122 -5.13 -13.76 -13.72
CA LEU A 122 -4.44 -14.68 -12.84
C LEU A 122 -3.13 -14.08 -12.34
N GLY A 123 -2.43 -13.36 -13.23
CA GLY A 123 -1.25 -12.61 -12.83
C GLY A 123 -1.54 -11.55 -11.76
N ARG A 124 -2.73 -10.98 -11.79
CA ARG A 124 -3.07 -9.97 -10.79
C ARG A 124 -3.48 -10.66 -9.50
N GLN A 125 -4.22 -11.75 -9.62
CA GLN A 125 -4.68 -12.48 -8.45
C GLN A 125 -3.51 -13.00 -7.63
N VAL A 126 -2.47 -13.46 -8.33
CA VAL A 126 -1.41 -14.25 -7.72
C VAL A 126 -0.26 -13.34 -7.34
N GLY A 127 -0.35 -12.08 -7.76
CA GLY A 127 0.57 -11.06 -7.30
C GLY A 127 1.81 -10.87 -8.16
N VAL A 128 1.71 -11.19 -9.45
CA VAL A 128 2.76 -10.85 -10.41
C VAL A 128 2.75 -9.33 -10.56
N PRO A 129 3.88 -8.67 -10.24
CA PRO A 129 3.95 -7.21 -10.16
C PRO A 129 4.23 -6.49 -11.48
N TYR A 130 4.90 -7.13 -12.42
CA TYR A 130 5.11 -6.52 -13.72
C TYR A 130 4.86 -7.46 -14.90
N ILE A 131 4.31 -6.89 -15.97
CA ILE A 131 4.10 -7.60 -17.23
C ILE A 131 4.67 -6.78 -18.38
N ILE A 132 5.43 -7.45 -19.23
CA ILE A 132 5.97 -6.89 -20.46
C ILE A 132 5.42 -7.69 -21.65
N VAL A 133 5.01 -6.98 -22.70
CA VAL A 133 4.34 -7.63 -23.82
C VAL A 133 5.27 -7.83 -25.00
N PHE A 134 5.13 -8.98 -25.65
CA PHE A 134 5.79 -9.25 -26.92
C PHE A 134 4.72 -9.55 -27.96
N LEU A 135 4.56 -8.69 -28.96
CA LEU A 135 3.69 -9.00 -30.11
C LEU A 135 4.45 -9.88 -31.08
N ASN A 136 3.96 -11.09 -31.28
CA ASN A 136 4.75 -12.09 -31.98
C ASN A 136 4.18 -12.38 -33.35
N LYS A 137 4.90 -13.20 -34.11
CA LYS A 137 4.47 -13.59 -35.43
C LYS A 137 4.21 -12.32 -36.25
N CYS A 138 5.09 -11.34 -36.12
CA CYS A 138 4.93 -10.10 -36.88
C CYS A 138 5.44 -10.31 -38.31
N ASP A 139 6.39 -11.22 -38.46
CA ASP A 139 6.94 -11.56 -39.75
C ASP A 139 5.81 -12.07 -40.66
N MET A 140 4.67 -12.37 -40.06
CA MET A 140 3.55 -12.96 -40.78
C MET A 140 2.66 -11.82 -41.20
N VAL A 141 2.93 -10.70 -40.54
CA VAL A 141 1.98 -9.63 -40.70
C VAL A 141 2.32 -8.42 -41.46
N ASP A 142 1.40 -8.19 -42.38
CA ASP A 142 1.69 -7.98 -43.75
C ASP A 142 1.01 -6.65 -43.86
N ASP A 143 1.77 -5.58 -44.06
CA ASP A 143 1.19 -4.25 -43.91
C ASP A 143 0.90 -3.90 -42.44
N GLU A 144 -0.32 -3.48 -42.18
CA GLU A 144 -0.57 -2.09 -41.81
C GLU A 144 -0.56 -1.80 -40.34
N GLU A 145 -1.28 -0.75 -39.98
CA GLU A 145 -1.37 -0.27 -38.62
C GLU A 145 -2.38 -1.08 -37.86
N LEU A 146 -2.29 -2.40 -38.00
CA LEU A 146 -3.03 -3.29 -37.12
C LEU A 146 -2.16 -3.54 -35.90
N LEU A 147 -0.90 -3.82 -36.18
CA LEU A 147 0.12 -3.90 -35.13
C LEU A 147 -0.06 -2.77 -34.11
N GLU A 148 -0.63 -1.66 -34.55
CA GLU A 148 -0.80 -0.50 -33.70
C GLU A 148 -2.13 -0.54 -32.94
N LEU A 149 -3.17 -1.04 -33.60
CA LEU A 149 -4.48 -1.06 -32.96
C LEU A 149 -4.62 -2.34 -32.13
N VAL A 150 -3.63 -3.23 -32.26
CA VAL A 150 -3.55 -4.44 -31.43
C VAL A 150 -2.75 -4.14 -30.15
N GLU A 151 -1.74 -3.30 -30.30
CA GLU A 151 -0.97 -2.81 -29.16
C GLU A 151 -1.84 -1.95 -28.24
N MET A 152 -2.99 -1.53 -28.75
CA MET A 152 -3.95 -0.82 -27.91
C MET A 152 -4.88 -1.81 -27.22
N GLU A 153 -5.29 -2.85 -27.95
CA GLU A 153 -6.19 -3.85 -27.37
C GLU A 153 -5.50 -4.46 -26.17
N VAL A 154 -4.21 -4.74 -26.33
CA VAL A 154 -3.43 -5.31 -25.25
C VAL A 154 -3.32 -4.34 -24.07
N ARG A 155 -3.38 -3.04 -24.34
CA ARG A 155 -3.19 -2.07 -23.27
C ARG A 155 -4.42 -1.83 -22.42
N GLU A 156 -5.59 -1.84 -23.03
CA GLU A 156 -6.81 -1.67 -22.24
C GLU A 156 -7.03 -2.92 -21.37
N LEU A 157 -6.73 -4.08 -21.94
CA LEU A 157 -6.89 -5.32 -21.21
C LEU A 157 -5.99 -5.28 -19.99
N LEU A 158 -4.75 -4.87 -20.21
CA LEU A 158 -3.73 -4.80 -19.18
C LEU A 158 -4.11 -3.82 -18.06
N SER A 159 -4.80 -2.75 -18.41
CA SER A 159 -5.22 -1.75 -17.44
C SER A 159 -6.54 -2.16 -16.81
N GLN A 160 -7.20 -3.10 -17.47
CA GLN A 160 -8.49 -3.59 -17.00
C GLN A 160 -8.30 -4.38 -15.71
N TYR A 161 -7.12 -4.98 -15.54
CA TYR A 161 -6.76 -5.64 -14.28
C TYR A 161 -5.58 -4.97 -13.59
N ASP A 162 -5.46 -3.66 -13.79
CA ASP A 162 -4.73 -2.77 -12.90
C ASP A 162 -3.25 -2.63 -13.20
N PHE A 163 -2.80 -3.22 -14.29
CA PHE A 163 -1.43 -3.00 -14.72
C PHE A 163 -1.33 -1.70 -15.53
N PRO A 164 -0.19 -0.98 -15.41
CA PRO A 164 0.02 0.26 -16.17
C PRO A 164 0.11 0.02 -17.69
N GLY A 165 -1.05 -0.20 -18.30
CA GLY A 165 -1.08 -0.49 -19.72
C GLY A 165 -0.43 0.59 -20.55
N ASP A 166 -0.59 1.84 -20.10
CA ASP A 166 -0.03 3.00 -20.79
C ASP A 166 1.49 3.08 -20.73
N ASP A 167 2.07 2.50 -19.67
CA ASP A 167 3.52 2.52 -19.52
C ASP A 167 4.18 1.18 -19.87
N THR A 168 3.49 0.35 -20.61
CA THR A 168 3.96 -1.01 -20.81
C THR A 168 4.87 -1.23 -22.02
N PRO A 169 6.10 -1.71 -21.77
CA PRO A 169 6.99 -2.07 -22.87
C PRO A 169 6.39 -3.16 -23.76
N ILE A 170 6.21 -2.85 -25.04
CA ILE A 170 5.67 -3.80 -25.99
C ILE A 170 6.61 -3.98 -27.16
N VAL A 171 7.18 -5.16 -27.31
CA VAL A 171 8.20 -5.39 -28.31
C VAL A 171 7.59 -6.19 -29.44
N ARG A 172 7.80 -5.72 -30.68
CA ARG A 172 7.35 -6.45 -31.84
C ARG A 172 8.50 -7.25 -32.46
N GLY A 173 8.22 -8.50 -32.81
CA GLY A 173 9.29 -9.38 -33.25
C GLY A 173 8.77 -10.67 -33.84
N SER A 174 9.67 -11.52 -34.29
CA SER A 174 9.32 -12.86 -34.73
C SER A 174 10.24 -13.80 -34.00
N ALA A 175 9.63 -14.71 -33.23
CA ALA A 175 10.40 -15.60 -32.40
C ALA A 175 10.99 -16.64 -33.31
N LEU A 176 10.23 -17.04 -34.33
CA LEU A 176 10.72 -18.09 -35.20
C LEU A 176 11.94 -17.60 -35.97
N LYS A 177 11.76 -16.51 -36.72
CA LYS A 177 12.84 -15.92 -37.53
C LYS A 177 14.04 -15.59 -36.67
N ALA A 178 13.77 -15.09 -35.47
CA ALA A 178 14.83 -14.84 -34.48
C ALA A 178 15.55 -16.13 -34.08
N LEU A 179 14.82 -17.26 -34.08
CA LEU A 179 15.43 -18.52 -33.70
C LEU A 179 16.10 -19.13 -34.91
N GLU A 180 15.52 -18.90 -36.08
CA GLU A 180 16.12 -19.36 -37.34
C GLU A 180 17.46 -18.63 -37.52
N GLY A 181 17.45 -17.33 -37.26
CA GLY A 181 18.70 -16.58 -37.25
C GLY A 181 18.67 -15.29 -38.06
N ASP A 182 17.48 -14.87 -38.48
CA ASP A 182 17.32 -13.57 -39.14
C ASP A 182 17.83 -12.47 -38.23
N ALA A 183 18.89 -11.80 -38.66
CA ALA A 183 19.57 -10.80 -37.85
C ALA A 183 18.69 -9.62 -37.44
N GLU A 184 17.77 -9.21 -38.30
CA GLU A 184 16.95 -8.05 -37.97
C GLU A 184 15.88 -8.43 -36.96
N TRP A 185 15.67 -9.72 -36.80
CA TRP A 185 14.71 -10.24 -35.83
C TRP A 185 15.40 -10.68 -34.56
N GLU A 186 16.62 -11.19 -34.69
CA GLU A 186 17.47 -11.47 -33.53
C GLU A 186 17.58 -10.19 -32.72
N ALA A 187 17.24 -9.09 -33.38
CA ALA A 187 17.37 -7.75 -32.81
C ALA A 187 16.31 -7.47 -31.76
N LYS A 188 15.04 -7.62 -32.12
CA LYS A 188 13.91 -7.34 -31.21
C LYS A 188 13.96 -8.27 -29.99
N ILE A 189 14.64 -9.40 -30.16
CA ILE A 189 15.01 -10.24 -29.04
C ILE A 189 15.87 -9.41 -28.06
N LEU A 190 17.08 -9.03 -28.48
CA LEU A 190 17.99 -8.26 -27.61
C LEU A 190 17.34 -7.00 -27.05
N GLU A 191 16.43 -6.41 -27.83
CA GLU A 191 15.65 -5.29 -27.36
C GLU A 191 14.77 -5.68 -26.19
N LEU A 192 14.18 -6.88 -26.29
CA LEU A 192 13.31 -7.39 -25.21
C LEU A 192 14.09 -7.68 -23.94
N ALA A 193 15.26 -8.29 -24.06
CA ALA A 193 16.15 -8.50 -22.92
C ALA A 193 16.52 -7.19 -22.24
N GLY A 194 16.55 -6.11 -23.02
CA GLY A 194 16.76 -4.78 -22.45
C GLY A 194 15.61 -4.38 -21.56
N PHE A 195 14.42 -4.85 -21.87
CA PHE A 195 13.27 -4.42 -21.10
C PHE A 195 13.08 -5.15 -19.79
N LEU A 196 13.45 -6.43 -19.77
CA LEU A 196 13.61 -7.14 -18.52
C LEU A 196 14.63 -6.43 -17.64
N ASP A 197 15.81 -6.14 -18.21
CA ASP A 197 16.86 -5.35 -17.55
C ASP A 197 16.34 -4.02 -17.01
N SER A 198 15.55 -3.31 -17.80
CA SER A 198 15.17 -1.95 -17.44
C SER A 198 13.86 -1.80 -16.68
N TYR A 199 12.88 -2.67 -16.92
CA TYR A 199 11.51 -2.39 -16.46
C TYR A 199 11.09 -3.17 -15.20
N ILE A 200 11.80 -4.26 -14.91
CA ILE A 200 11.49 -5.02 -13.71
C ILE A 200 12.46 -4.68 -12.61
N PRO A 201 11.98 -3.97 -11.58
CA PRO A 201 12.78 -3.60 -10.42
C PRO A 201 13.37 -4.86 -9.83
N GLU A 202 14.67 -4.86 -9.60
CA GLU A 202 15.31 -6.04 -9.02
C GLU A 202 14.65 -6.39 -7.67
N PRO A 203 14.30 -7.67 -7.48
CA PRO A 203 13.45 -8.13 -6.38
C PRO A 203 14.12 -8.01 -5.01
N GLU A 204 13.32 -7.70 -4.00
CA GLU A 204 13.86 -7.58 -2.66
C GLU A 204 14.25 -8.96 -2.10
N ARG A 205 15.50 -9.06 -1.65
CA ARG A 205 15.99 -10.27 -0.98
C ARG A 205 15.26 -10.52 0.36
N ALA A 206 15.03 -11.80 0.66
CA ALA A 206 14.29 -12.24 1.85
C ALA A 206 14.87 -11.66 3.15
N ILE A 207 16.20 -11.68 3.26
CA ILE A 207 16.90 -11.15 4.42
C ILE A 207 16.69 -9.63 4.58
N ASP A 208 16.18 -8.98 3.53
CA ASP A 208 15.98 -7.52 3.51
C ASP A 208 14.57 -7.14 3.98
N LYS A 209 13.64 -8.10 3.88
CA LYS A 209 12.27 -7.87 4.30
C LYS A 209 12.18 -7.81 5.82
N PRO A 210 11.09 -7.23 6.35
CA PRO A 210 10.85 -7.30 7.80
C PRO A 210 10.83 -8.74 8.31
N PHE A 211 11.39 -8.92 9.50
CA PHE A 211 11.37 -10.18 10.21
C PHE A 211 9.99 -10.81 10.37
N LEU A 212 9.93 -12.10 10.03
CA LEU A 212 8.73 -12.94 10.19
C LEU A 212 9.18 -14.37 10.53
N LEU A 213 8.54 -14.96 11.53
CA LEU A 213 8.86 -16.34 11.93
C LEU A 213 7.59 -17.08 12.36
N PRO A 214 7.17 -18.06 11.55
CA PRO A 214 6.00 -18.91 11.84
C PRO A 214 6.31 -19.85 13.02
N ILE A 215 5.51 -19.79 14.06
CA ILE A 215 5.86 -20.46 15.28
C ILE A 215 5.49 -21.94 15.24
N GLU A 216 6.51 -22.78 15.41
CA GLU A 216 6.35 -24.23 15.51
C GLU A 216 6.22 -24.71 16.96
N ASP A 217 7.26 -24.51 17.76
CA ASP A 217 7.22 -24.98 19.12
C ASP A 217 7.39 -23.86 20.15
N VAL A 218 6.83 -24.10 21.33
CA VAL A 218 6.75 -23.13 22.39
C VAL A 218 7.07 -23.88 23.69
N PHE A 219 8.04 -23.39 24.47
CA PHE A 219 8.21 -23.85 25.86
C PHE A 219 8.77 -22.75 26.76
N SER A 220 8.48 -22.83 28.06
CA SER A 220 8.98 -21.85 29.03
C SER A 220 10.44 -22.08 29.39
N ILE A 221 11.17 -20.99 29.58
CA ILE A 221 12.28 -21.03 30.49
C ILE A 221 11.87 -20.29 31.79
N SER A 222 11.78 -21.04 32.87
CA SER A 222 11.28 -20.56 34.14
C SER A 222 12.22 -19.48 34.70
N GLY A 223 11.66 -18.34 35.10
CA GLY A 223 12.48 -17.23 35.51
C GLY A 223 13.00 -16.36 34.38
N ARG A 224 12.70 -16.71 33.12
CA ARG A 224 13.19 -15.86 32.03
C ARG A 224 12.14 -15.43 31.03
N GLY A 225 11.08 -16.21 30.88
CA GLY A 225 10.14 -16.01 29.77
C GLY A 225 9.87 -17.28 28.99
N THR A 226 9.42 -17.16 27.74
CA THR A 226 9.14 -18.35 26.96
C THR A 226 9.84 -18.36 25.60
N VAL A 227 10.19 -19.56 25.15
CA VAL A 227 10.89 -19.70 23.89
C VAL A 227 9.88 -20.20 22.86
N VAL A 228 9.92 -19.58 21.68
CA VAL A 228 9.14 -20.03 20.53
C VAL A 228 10.13 -20.39 19.44
N THR A 229 9.79 -21.39 18.62
CA THR A 229 10.74 -21.86 17.61
C THR A 229 10.12 -21.83 16.20
N GLY A 230 11.00 -21.78 15.21
CA GLY A 230 10.57 -21.99 13.86
C GLY A 230 11.70 -21.74 12.91
N ARG A 231 11.38 -21.80 11.61
CA ARG A 231 12.27 -21.36 10.58
C ARG A 231 11.96 -19.89 10.24
N VAL A 232 12.94 -19.03 10.43
CA VAL A 232 12.82 -17.65 9.97
C VAL A 232 12.43 -17.64 8.49
N GLU A 233 11.21 -17.23 8.19
CA GLU A 233 10.78 -17.13 6.80
C GLU A 233 11.50 -16.00 6.06
N ARG A 234 11.83 -14.93 6.76
CA ARG A 234 12.42 -13.76 6.11
C ARG A 234 12.88 -12.75 7.15
N GLY A 235 13.86 -11.93 6.78
CA GLY A 235 14.35 -10.88 7.66
C GLY A 235 15.41 -11.34 8.63
N ILE A 236 15.76 -10.44 9.54
CA ILE A 236 16.67 -10.73 10.65
C ILE A 236 16.01 -10.36 11.97
N ILE A 237 16.08 -11.26 12.96
CA ILE A 237 15.77 -10.91 14.34
C ILE A 237 17.09 -10.79 15.09
N LYS A 238 17.28 -9.66 15.77
CA LYS A 238 18.49 -9.44 16.54
C LYS A 238 18.08 -9.34 17.98
N VAL A 239 18.95 -9.85 18.85
CA VAL A 239 18.81 -9.72 20.30
C VAL A 239 18.54 -8.27 20.73
N GLY A 240 17.55 -8.08 21.59
CA GLY A 240 17.23 -6.74 22.03
C GLY A 240 16.15 -6.01 21.25
N GLU A 241 15.72 -6.55 20.11
CA GLU A 241 14.69 -5.92 19.28
C GLU A 241 13.28 -6.30 19.74
N GLU A 242 12.36 -5.36 19.58
CA GLU A 242 10.96 -5.66 19.83
C GLU A 242 10.38 -6.52 18.70
N VAL A 243 9.42 -7.36 19.07
CA VAL A 243 8.68 -8.14 18.09
C VAL A 243 7.20 -8.11 18.47
N GLU A 244 6.32 -8.47 17.56
CA GLU A 244 4.96 -8.81 17.96
C GLU A 244 4.65 -10.27 17.71
N ILE A 245 3.64 -10.76 18.42
CA ILE A 245 3.06 -12.07 18.23
C ILE A 245 1.69 -11.87 17.57
N VAL A 246 1.52 -12.35 16.35
CA VAL A 246 0.34 -11.99 15.59
C VAL A 246 -0.49 -13.18 15.14
N GLY A 247 -1.82 -13.03 15.27
CA GLY A 247 -2.76 -14.00 14.75
C GLY A 247 -3.43 -14.79 15.85
N ILE A 248 -4.60 -15.36 15.51
CA ILE A 248 -5.28 -16.34 16.35
C ILE A 248 -5.94 -15.68 17.53
N LYS A 249 -5.36 -14.57 17.96
CA LYS A 249 -5.90 -13.82 19.06
C LYS A 249 -5.12 -12.52 19.20
N GLU A 250 -5.35 -11.85 20.32
CA GLU A 250 -4.89 -10.49 20.58
C GLU A 250 -3.37 -10.30 20.43
N THR A 251 -2.96 -9.41 19.53
CA THR A 251 -1.55 -9.18 19.34
C THR A 251 -0.88 -8.76 20.64
N GLN A 252 0.35 -9.24 20.85
CA GLN A 252 1.10 -8.88 22.03
C GLN A 252 2.47 -8.43 21.58
N LYS A 253 3.09 -7.60 22.39
CA LYS A 253 4.42 -7.06 22.10
C LYS A 253 5.40 -7.69 23.05
N SER A 254 6.58 -8.02 22.56
CA SER A 254 7.63 -8.47 23.44
C SER A 254 8.99 -8.00 22.94
N THR A 255 10.02 -8.29 23.72
CA THR A 255 11.38 -7.97 23.36
C THR A 255 12.10 -9.30 23.22
N CYS A 256 13.05 -9.36 22.30
CA CYS A 256 13.86 -10.57 22.11
C CYS A 256 15.09 -10.49 23.00
N THR A 257 15.17 -11.37 23.99
CA THR A 257 16.33 -11.38 24.85
C THR A 257 17.31 -12.46 24.47
N GLY A 258 17.10 -13.15 23.35
CA GLY A 258 18.05 -14.16 22.94
C GLY A 258 17.62 -15.09 21.82
N VAL A 259 18.60 -15.62 21.12
CA VAL A 259 18.37 -16.49 19.98
C VAL A 259 19.33 -17.68 20.09
N GLU A 260 18.79 -18.89 19.97
CA GLU A 260 19.59 -20.11 20.03
C GLU A 260 19.34 -21.02 18.83
N MET A 261 20.36 -21.78 18.47
CA MET A 261 20.29 -22.73 17.37
C MET A 261 21.27 -23.88 17.63
N PHE A 262 20.75 -25.10 17.66
CA PHE A 262 21.60 -26.23 18.01
C PHE A 262 22.37 -25.95 19.30
N ARG A 263 21.69 -25.40 20.30
CA ARG A 263 22.27 -25.23 21.63
C ARG A 263 23.33 -24.16 21.62
N LYS A 264 23.53 -23.53 20.48
CA LYS A 264 24.41 -22.38 20.44
C LYS A 264 23.62 -21.07 20.49
N LEU A 265 24.08 -20.15 21.32
CA LEU A 265 23.58 -18.78 21.37
C LEU A 265 24.13 -17.95 20.20
N LEU A 266 23.27 -17.10 19.65
CA LEU A 266 23.62 -16.25 18.52
C LEU A 266 23.25 -14.80 18.83
N ASP A 267 23.71 -13.89 17.97
CA ASP A 267 23.28 -12.51 18.12
C ASP A 267 22.04 -12.23 17.30
N GLU A 268 21.66 -13.16 16.45
CA GLU A 268 20.60 -12.91 15.50
C GLU A 268 20.16 -14.21 14.88
N GLY A 269 18.92 -14.25 14.41
CA GLY A 269 18.47 -15.33 13.55
C GLY A 269 18.21 -14.76 12.18
N ARG A 270 18.64 -15.47 11.15
CA ARG A 270 18.53 -15.00 9.78
C ARG A 270 17.56 -15.81 8.94
N ALA A 271 16.96 -15.19 7.92
CA ALA A 271 16.11 -15.95 6.99
C ALA A 271 16.70 -17.32 6.61
N GLY A 272 15.88 -18.37 6.67
CA GLY A 272 16.33 -19.69 6.24
C GLY A 272 16.67 -20.62 7.39
N GLU A 273 17.07 -20.04 8.53
CA GLU A 273 17.48 -20.78 9.71
C GLU A 273 16.31 -21.20 10.60
N ASN A 274 16.41 -22.41 11.14
CA ASN A 274 15.62 -22.80 12.30
C ASN A 274 16.27 -22.23 13.55
N VAL A 275 15.47 -21.60 14.42
CA VAL A 275 16.00 -20.94 15.62
C VAL A 275 15.03 -21.01 16.79
N GLY A 276 15.57 -20.77 17.97
CA GLY A 276 14.76 -20.45 19.13
C GLY A 276 14.94 -18.99 19.44
N VAL A 277 13.86 -18.34 19.86
CA VAL A 277 13.88 -16.95 20.23
C VAL A 277 13.24 -16.84 21.62
N LEU A 278 13.98 -16.31 22.59
CA LEU A 278 13.40 -16.12 23.92
C LEU A 278 12.68 -14.77 24.06
N LEU A 279 11.46 -14.81 24.60
CA LEU A 279 10.67 -13.60 24.72
C LEU A 279 10.52 -13.27 26.19
N ARG A 280 11.01 -12.10 26.58
CA ARG A 280 10.97 -11.71 27.98
C ARG A 280 9.58 -11.30 28.41
N GLY A 281 9.13 -11.90 29.52
CA GLY A 281 7.88 -11.48 30.13
C GLY A 281 6.69 -12.27 29.66
N ILE A 282 6.75 -12.77 28.44
CA ILE A 282 5.68 -13.62 27.91
C ILE A 282 5.63 -15.02 28.56
N LYS A 283 4.43 -15.46 28.90
CA LYS A 283 4.23 -16.77 29.51
C LYS A 283 3.71 -17.78 28.50
N ARG A 284 3.90 -19.06 28.79
CA ARG A 284 3.72 -20.11 27.81
C ARG A 284 2.30 -20.12 27.24
N GLU A 285 1.31 -20.13 28.11
CA GLU A 285 -0.06 -20.40 27.68
C GLU A 285 -0.67 -19.24 26.91
N GLU A 286 0.11 -18.23 26.59
CA GLU A 286 -0.40 -17.15 25.75
C GLU A 286 0.17 -17.10 24.32
N ILE A 287 0.99 -18.08 23.95
CA ILE A 287 1.41 -18.23 22.56
C ILE A 287 0.91 -19.54 22.00
N GLU A 288 0.33 -19.50 20.80
CA GLU A 288 -0.12 -20.70 20.12
C GLU A 288 0.70 -20.93 18.84
N ARG A 289 1.07 -22.19 18.58
CA ARG A 289 1.49 -22.57 17.23
C ARG A 289 0.42 -22.05 16.27
N GLY A 290 0.86 -21.55 15.12
CA GLY A 290 -0.07 -20.90 14.20
C GLY A 290 0.02 -19.38 14.27
N GLN A 291 0.49 -18.83 15.38
CA GLN A 291 0.88 -17.44 15.44
C GLN A 291 2.23 -17.26 14.79
N VAL A 292 2.55 -16.01 14.47
CA VAL A 292 3.82 -15.69 13.90
C VAL A 292 4.45 -14.64 14.81
N LEU A 293 5.77 -14.58 14.75
CA LEU A 293 6.55 -13.50 15.32
C LEU A 293 6.97 -12.64 14.13
N ALA A 294 6.95 -11.32 14.32
CA ALA A 294 7.11 -10.40 13.21
C ALA A 294 7.62 -9.05 13.70
N LYS A 295 8.42 -8.38 12.89
CA LYS A 295 8.76 -6.99 13.16
C LYS A 295 7.44 -6.24 13.43
N PRO A 296 7.40 -5.46 14.50
CA PRO A 296 6.13 -4.82 14.88
C PRO A 296 5.60 -3.86 13.81
N GLY A 297 4.28 -3.88 13.61
CA GLY A 297 3.64 -3.09 12.59
C GLY A 297 3.92 -3.47 11.15
N THR A 298 4.25 -4.71 10.86
CA THR A 298 4.52 -5.05 9.47
C THR A 298 3.62 -6.18 8.89
N ILE A 299 2.74 -6.74 9.71
CA ILE A 299 1.85 -7.74 9.19
C ILE A 299 0.68 -7.85 10.14
N LYS A 300 -0.52 -7.89 9.59
CA LYS A 300 -1.72 -7.73 10.41
C LYS A 300 -2.51 -9.00 10.42
N PRO A 301 -3.33 -9.20 11.45
CA PRO A 301 -4.27 -10.33 11.53
C PRO A 301 -5.62 -10.07 10.81
N HIS A 302 -5.93 -10.86 9.78
CA HIS A 302 -7.22 -10.76 9.09
C HIS A 302 -8.03 -12.03 9.28
N THR A 303 -9.35 -11.92 9.25
CA THR A 303 -10.22 -13.09 9.27
C THR A 303 -10.90 -13.30 7.93
N LYS A 304 -10.83 -12.30 7.07
CA LYS A 304 -11.57 -12.33 5.83
C LYS A 304 -10.69 -11.91 4.68
N PHE A 305 -10.82 -12.60 3.55
CA PHE A 305 -9.97 -12.34 2.41
C PHE A 305 -10.49 -12.96 1.12
N GLU A 306 -9.88 -12.53 0.02
CA GLU A 306 -10.26 -13.00 -1.30
C GLU A 306 -9.06 -13.77 -1.84
N SER A 307 -9.35 -14.92 -2.45
CA SER A 307 -8.30 -15.75 -3.02
C SER A 307 -8.65 -16.32 -4.40
N GLU A 308 -7.66 -16.90 -5.06
CA GLU A 308 -7.90 -17.74 -6.22
C GLU A 308 -7.53 -19.18 -5.81
N VAL A 309 -8.44 -20.11 -6.06
CA VAL A 309 -8.28 -21.48 -5.59
C VAL A 309 -8.37 -22.45 -6.75
N TYR A 310 -7.45 -23.39 -6.78
CA TYR A 310 -7.46 -24.49 -7.72
C TYR A 310 -7.89 -25.74 -6.95
N ILE A 311 -8.83 -26.49 -7.52
CA ILE A 311 -9.28 -27.75 -6.92
C ILE A 311 -8.44 -28.88 -7.50
N LEU A 312 -7.72 -29.57 -6.62
CA LEU A 312 -6.92 -30.72 -7.03
C LEU A 312 -7.77 -31.81 -7.71
N SER A 313 -7.21 -32.44 -8.72
CA SER A 313 -7.75 -33.71 -9.18
C SER A 313 -7.34 -34.85 -8.23
N LYS A 314 -7.99 -36.00 -8.41
CA LYS A 314 -7.79 -37.20 -7.59
C LYS A 314 -6.30 -37.57 -7.65
N ASP A 315 -5.77 -37.53 -8.87
CA ASP A 315 -4.38 -37.86 -9.14
C ASP A 315 -3.41 -37.07 -8.29
N GLU A 316 -3.73 -35.82 -8.02
CA GLU A 316 -2.78 -35.00 -7.29
C GLU A 316 -3.08 -34.91 -5.83
N GLY A 317 -3.99 -35.76 -5.35
CA GLY A 317 -4.22 -35.83 -3.93
C GLY A 317 -5.63 -35.49 -3.46
N GLY A 318 -6.47 -34.88 -4.29
CA GLY A 318 -7.83 -34.59 -3.89
C GLY A 318 -8.88 -35.62 -4.29
N ARG A 319 -9.98 -35.13 -4.84
CA ARG A 319 -11.10 -36.01 -5.17
C ARG A 319 -11.48 -35.92 -6.62
N HIS A 320 -11.97 -37.03 -7.17
CA HIS A 320 -12.51 -37.04 -8.52
C HIS A 320 -13.89 -36.40 -8.62
N THR A 321 -14.45 -36.00 -7.48
CA THR A 321 -15.76 -35.31 -7.44
C THR A 321 -15.66 -33.84 -6.98
N PRO A 322 -16.61 -33.01 -7.42
CA PRO A 322 -16.60 -31.55 -7.19
C PRO A 322 -16.65 -31.13 -5.72
N PHE A 323 -16.11 -29.95 -5.44
CA PHE A 323 -16.11 -29.38 -4.10
C PHE A 323 -17.34 -28.50 -3.95
N PHE A 324 -18.16 -28.75 -2.93
CA PHE A 324 -19.34 -27.90 -2.63
C PHE A 324 -19.08 -26.98 -1.45
N LYS A 325 -19.41 -25.71 -1.60
CA LYS A 325 -19.35 -24.77 -0.48
C LYS A 325 -20.40 -25.12 0.57
N GLY A 326 -20.20 -24.62 1.76
CA GLY A 326 -21.20 -24.76 2.81
C GLY A 326 -20.89 -25.80 3.86
N TYR A 327 -19.72 -26.42 3.77
CA TYR A 327 -19.39 -27.47 4.71
C TYR A 327 -18.22 -27.12 5.63
N ARG A 328 -17.75 -25.88 5.56
CA ARG A 328 -16.75 -25.37 6.50
C ARG A 328 -15.42 -26.13 6.42
N PRO A 329 -14.69 -25.93 5.33
CA PRO A 329 -13.42 -26.62 5.13
C PRO A 329 -12.37 -26.03 6.08
N GLN A 330 -11.22 -26.71 6.19
CA GLN A 330 -10.10 -26.25 7.01
C GLN A 330 -9.09 -25.55 6.09
N PHE A 331 -8.64 -24.36 6.50
CA PHE A 331 -7.59 -23.68 5.74
C PHE A 331 -6.26 -23.74 6.46
N TYR A 332 -5.25 -24.22 5.76
CA TYR A 332 -3.96 -24.48 6.36
C TYR A 332 -2.95 -23.39 5.95
N PHE A 333 -2.55 -22.59 6.93
CA PHE A 333 -1.66 -21.44 6.73
C PHE A 333 -0.40 -21.66 7.56
N ARG A 334 0.71 -21.84 6.87
CA ARG A 334 2.00 -22.01 7.51
C ARG A 334 1.96 -23.23 8.40
N THR A 335 1.76 -23.05 9.69
CA THR A 335 1.90 -24.14 10.64
C THR A 335 0.60 -24.74 11.21
N THR A 336 -0.57 -24.21 10.86
CA THR A 336 -1.82 -24.68 11.49
C THR A 336 -3.06 -24.71 10.59
N ASP A 337 -4.11 -25.34 11.10
CA ASP A 337 -5.42 -25.47 10.45
C ASP A 337 -6.41 -24.49 11.11
N VAL A 338 -7.22 -23.82 10.31
CA VAL A 338 -8.28 -23.03 10.89
C VAL A 338 -9.51 -22.97 10.01
N THR A 339 -10.66 -23.27 10.61
CA THR A 339 -11.93 -23.42 9.92
C THR A 339 -12.37 -22.11 9.28
N GLY A 340 -12.94 -22.21 8.08
CA GLY A 340 -13.51 -21.04 7.44
C GLY A 340 -14.79 -21.33 6.69
N THR A 341 -15.51 -20.29 6.31
CA THR A 341 -16.69 -20.50 5.51
C THR A 341 -16.44 -19.78 4.21
N ILE A 342 -17.07 -20.24 3.14
CA ILE A 342 -16.76 -19.75 1.81
C ILE A 342 -17.96 -19.12 1.13
N GLU A 343 -17.72 -18.05 0.39
CA GLU A 343 -18.68 -17.54 -0.56
C GLU A 343 -18.10 -17.69 -1.98
N LEU A 344 -18.85 -18.32 -2.87
CA LEU A 344 -18.40 -18.53 -4.24
C LEU A 344 -19.01 -17.46 -5.14
N PRO A 345 -18.60 -17.42 -6.42
CA PRO A 345 -19.24 -16.41 -7.27
C PRO A 345 -20.74 -16.68 -7.35
N GLU A 346 -21.46 -15.74 -7.93
CA GLU A 346 -22.92 -15.74 -7.86
C GLU A 346 -23.52 -16.85 -8.71
N GLY A 347 -24.38 -17.65 -8.10
CA GLY A 347 -25.04 -18.72 -8.85
C GLY A 347 -24.29 -20.03 -8.84
N VAL A 348 -22.96 -19.99 -8.64
CA VAL A 348 -22.14 -21.21 -8.60
C VAL A 348 -22.23 -21.93 -7.25
N GLU A 349 -22.44 -23.24 -7.24
CA GLU A 349 -22.53 -24.00 -5.99
C GLU A 349 -21.29 -24.89 -5.77
N MET A 350 -20.70 -25.36 -6.87
CA MET A 350 -19.62 -26.31 -6.76
C MET A 350 -18.48 -25.91 -7.66
N VAL A 351 -17.35 -26.57 -7.49
CA VAL A 351 -16.16 -26.32 -8.28
C VAL A 351 -15.66 -27.69 -8.71
N MET A 352 -15.48 -27.89 -10.02
CA MET A 352 -15.02 -29.17 -10.54
C MET A 352 -13.52 -29.39 -10.31
N PRO A 353 -13.14 -30.65 -10.04
CA PRO A 353 -11.72 -31.01 -9.93
C PRO A 353 -10.94 -30.47 -11.11
N GLY A 354 -9.75 -29.97 -10.84
CA GLY A 354 -8.95 -29.42 -11.91
C GLY A 354 -9.33 -28.00 -12.30
N ASP A 355 -10.46 -27.48 -11.82
CA ASP A 355 -10.83 -26.10 -12.14
C ASP A 355 -10.31 -25.08 -11.11
N ASN A 356 -10.32 -23.80 -11.46
CA ASN A 356 -9.99 -22.78 -10.46
C ASN A 356 -11.09 -21.75 -10.37
N ILE A 357 -11.27 -21.16 -9.19
CA ILE A 357 -12.33 -20.18 -9.01
C ILE A 357 -11.94 -19.12 -7.99
N LYS A 358 -12.68 -18.02 -7.93
CA LYS A 358 -12.45 -17.05 -6.88
C LYS A 358 -13.27 -17.41 -5.62
N MET A 359 -12.64 -17.33 -4.45
CA MET A 359 -13.33 -17.61 -3.19
C MET A 359 -13.10 -16.48 -2.19
N VAL A 360 -14.17 -15.99 -1.59
CA VAL A 360 -14.07 -15.11 -0.45
C VAL A 360 -14.25 -15.94 0.81
N VAL A 361 -13.28 -15.84 1.73
CA VAL A 361 -13.18 -16.76 2.85
C VAL A 361 -13.26 -15.96 4.14
N THR A 362 -13.96 -16.52 5.13
CA THR A 362 -14.05 -15.90 6.43
C THR A 362 -13.66 -16.95 7.46
N LEU A 363 -12.53 -16.74 8.15
CA LEU A 363 -12.02 -17.72 9.10
C LEU A 363 -12.65 -17.55 10.49
N ILE A 364 -12.47 -18.52 11.38
CA ILE A 364 -13.09 -18.37 12.67
C ILE A 364 -12.21 -17.61 13.63
N HIS A 365 -10.91 -17.62 13.40
CA HIS A 365 -10.07 -16.58 13.99
C HIS A 365 -9.00 -15.98 13.08
N PRO A 366 -8.38 -14.91 13.55
CA PRO A 366 -7.45 -14.16 12.71
C PRO A 366 -6.13 -14.87 12.45
N ILE A 367 -5.58 -14.61 11.27
CA ILE A 367 -4.31 -15.17 10.86
C ILE A 367 -3.52 -14.02 10.29
N ALA A 368 -2.24 -13.97 10.62
CA ALA A 368 -1.36 -12.97 10.05
C ALA A 368 -1.20 -13.33 8.62
N MET A 369 -1.37 -12.36 7.73
CA MET A 369 -1.32 -12.63 6.29
C MET A 369 -1.32 -11.33 5.50
N ASP A 370 -0.59 -11.31 4.40
CA ASP A 370 -0.86 -10.29 3.38
C ASP A 370 -1.24 -10.98 2.05
N ASP A 371 -1.69 -10.20 1.07
CA ASP A 371 -1.80 -10.67 -0.31
C ASP A 371 -0.61 -11.58 -0.68
N GLY A 372 -0.89 -12.70 -1.33
CA GLY A 372 0.19 -13.56 -1.83
C GLY A 372 0.59 -14.69 -0.90
N LEU A 373 0.05 -14.69 0.32
CA LEU A 373 0.22 -15.84 1.19
C LEU A 373 -0.40 -17.09 0.54
N ARG A 374 0.33 -18.21 0.54
CA ARG A 374 -0.28 -19.47 0.10
C ARG A 374 -0.98 -20.26 1.18
N PHE A 375 -1.90 -21.10 0.76
CA PHE A 375 -2.60 -21.93 1.70
C PHE A 375 -3.26 -23.12 0.99
N ALA A 376 -3.65 -24.10 1.80
CA ALA A 376 -4.21 -25.35 1.34
C ALA A 376 -5.61 -25.45 1.94
N ILE A 377 -6.54 -26.06 1.20
CA ILE A 377 -7.87 -26.33 1.73
C ILE A 377 -8.01 -27.81 1.99
N ARG A 378 -8.41 -28.17 3.19
CA ARG A 378 -8.67 -29.56 3.52
C ARG A 378 -10.13 -29.78 3.94
N GLU A 379 -10.63 -30.97 3.69
CA GLU A 379 -11.96 -31.34 4.15
C GLU A 379 -12.11 -32.85 4.09
N GLY A 380 -12.59 -33.43 5.19
CA GLY A 380 -12.61 -34.88 5.32
C GLY A 380 -11.25 -35.55 5.36
N GLY A 381 -10.25 -34.87 5.93
CA GLY A 381 -8.93 -35.47 6.05
C GLY A 381 -8.23 -35.60 4.71
N ARG A 382 -8.63 -34.73 3.78
CA ARG A 382 -8.11 -34.78 2.42
C ARG A 382 -7.81 -33.33 1.96
N THR A 383 -6.60 -33.10 1.46
CA THR A 383 -6.26 -31.83 0.82
C THR A 383 -6.96 -31.77 -0.52
N VAL A 384 -7.86 -30.82 -0.68
CA VAL A 384 -8.73 -30.78 -1.84
C VAL A 384 -8.42 -29.57 -2.72
N GLY A 385 -7.75 -28.56 -2.15
CA GLY A 385 -7.52 -27.31 -2.86
C GLY A 385 -6.25 -26.55 -2.48
N ALA A 386 -5.77 -25.72 -3.40
CA ALA A 386 -4.60 -24.88 -3.19
C ALA A 386 -5.03 -23.46 -3.48
N GLY A 387 -4.73 -22.55 -2.56
CA GLY A 387 -5.09 -21.17 -2.79
C GLY A 387 -4.02 -20.13 -2.52
N VAL A 388 -4.28 -18.92 -3.02
CA VAL A 388 -3.44 -17.79 -2.71
C VAL A 388 -4.39 -16.67 -2.32
N VAL A 389 -4.09 -15.97 -1.24
CA VAL A 389 -4.79 -14.74 -0.84
C VAL A 389 -4.59 -13.64 -1.90
N ALA A 390 -5.68 -13.15 -2.49
CA ALA A 390 -5.55 -12.15 -3.56
C ALA A 390 -5.70 -10.77 -2.94
N LYS A 391 -6.56 -10.64 -1.93
CA LYS A 391 -6.74 -9.36 -1.26
C LYS A 391 -7.32 -9.51 0.13
N VAL A 392 -6.61 -9.01 1.14
CA VAL A 392 -7.10 -9.10 2.51
C VAL A 392 -8.26 -8.13 2.72
N LEU A 393 -9.23 -8.51 3.52
CA LEU A 393 -10.47 -7.74 3.56
C LEU A 393 -10.94 -7.28 4.92
N GLY A 394 -10.38 -7.86 5.98
CA GLY A 394 -10.71 -7.38 7.31
C GLY A 394 -10.10 -8.23 8.40
N THR B 9 -7.79 30.02 -15.59
CA THR B 9 -8.06 29.23 -14.34
C THR B 9 -7.11 28.03 -14.19
N LYS B 10 -5.99 28.27 -13.49
CA LYS B 10 -4.96 27.25 -13.29
C LYS B 10 -5.37 26.30 -12.15
N PRO B 11 -4.76 25.11 -12.08
CA PRO B 11 -4.89 24.25 -10.90
C PRO B 11 -4.44 24.97 -9.63
N HIS B 12 -5.11 24.72 -8.50
CA HIS B 12 -4.71 25.28 -7.21
C HIS B 12 -3.95 24.22 -6.43
N VAL B 13 -2.66 24.46 -6.16
CA VAL B 13 -1.89 23.58 -5.30
C VAL B 13 -1.63 24.24 -3.96
N ASN B 14 -1.75 23.46 -2.88
CA ASN B 14 -1.52 23.99 -1.55
C ASN B 14 -0.13 23.62 -1.05
N VAL B 15 0.66 24.64 -0.75
CA VAL B 15 1.96 24.44 -0.13
C VAL B 15 2.10 25.31 1.11
N GLY B 16 3.33 25.46 1.56
CA GLY B 16 3.65 26.22 2.76
C GLY B 16 5.06 25.92 3.21
N THR B 17 5.61 26.79 4.06
CA THR B 17 7.01 26.74 4.48
C THR B 17 7.18 26.15 5.88
N ILE B 18 7.97 25.09 6.00
CA ILE B 18 8.27 24.53 7.31
C ILE B 18 9.76 24.61 7.63
N GLY B 19 10.11 24.21 8.85
CA GLY B 19 11.48 24.29 9.28
C GLY B 19 11.70 25.08 10.58
N HIS B 20 12.95 25.12 11.01
CA HIS B 20 13.31 25.66 12.31
C HIS B 20 13.10 27.16 12.39
N VAL B 21 12.73 27.65 13.57
CA VAL B 21 12.42 29.07 13.76
C VAL B 21 13.60 29.95 13.35
N ASP B 22 13.28 31.07 12.72
CA ASP B 22 14.26 32.06 12.25
C ASP B 22 15.24 31.60 11.14
N HIS B 23 15.04 30.41 10.58
CA HIS B 23 15.78 30.00 9.38
C HIS B 23 15.30 30.69 8.10
N GLY B 24 14.16 31.37 8.15
CA GLY B 24 13.80 32.27 7.08
C GLY B 24 12.48 31.96 6.39
N LYS B 25 11.76 30.97 6.92
CA LYS B 25 10.46 30.59 6.37
C LYS B 25 9.70 31.80 5.85
N THR B 26 9.63 32.85 6.68
CA THR B 26 8.71 33.96 6.45
C THR B 26 9.28 34.95 5.44
N THR B 27 10.60 35.05 5.44
CA THR B 27 11.30 35.89 4.50
C THR B 27 11.27 35.19 3.14
N LEU B 28 11.44 33.88 3.13
CA LEU B 28 11.29 33.14 1.90
C LEU B 28 9.88 33.38 1.35
N THR B 29 8.88 33.20 2.19
CA THR B 29 7.51 33.40 1.76
C THR B 29 7.26 34.78 1.17
N ALA B 30 7.76 35.82 1.83
CA ALA B 30 7.62 37.17 1.30
C ALA B 30 8.39 37.29 -0.01
N ALA B 31 9.53 36.61 -0.09
CA ALA B 31 10.33 36.61 -1.31
C ALA B 31 9.51 36.05 -2.44
N ILE B 32 9.00 34.83 -2.26
CA ILE B 32 8.24 34.20 -3.30
C ILE B 32 7.15 35.12 -3.86
N THR B 33 6.29 35.65 -3.00
CA THR B 33 5.19 36.46 -3.51
C THR B 33 5.73 37.59 -4.37
N THR B 34 6.96 37.98 -4.12
CA THR B 34 7.47 39.26 -4.61
C THR B 34 8.27 39.04 -5.89
N VAL B 35 9.06 37.98 -5.91
CA VAL B 35 9.73 37.56 -7.12
C VAL B 35 8.66 37.35 -8.18
N LEU B 36 8.03 36.19 -8.14
CA LEU B 36 7.01 35.83 -9.11
C LEU B 36 6.00 36.94 -9.39
N ALA B 37 5.89 37.90 -8.48
CA ALA B 37 4.98 39.02 -8.70
C ALA B 37 5.36 39.76 -9.99
N LYS B 38 6.65 39.71 -10.34
CA LYS B 38 7.17 40.46 -11.48
C LYS B 38 7.81 39.56 -12.53
N THR B 39 8.05 38.29 -12.18
CA THR B 39 8.57 37.29 -13.11
C THR B 39 7.46 36.54 -13.83
N TYR B 40 6.26 36.56 -13.25
CA TYR B 40 5.12 35.89 -13.86
C TYR B 40 3.84 36.69 -13.64
N GLY B 41 3.92 37.69 -12.77
CA GLY B 41 2.78 38.56 -12.54
C GLY B 41 2.13 38.42 -11.17
N GLY B 42 1.17 39.27 -10.88
CA GLY B 42 0.51 39.24 -9.58
C GLY B 42 1.08 40.26 -8.62
N ALA B 43 0.56 40.29 -7.40
CA ALA B 43 1.00 41.25 -6.40
C ALA B 43 1.76 40.58 -5.25
N ALA B 44 2.50 41.39 -4.51
CA ALA B 44 3.40 40.90 -3.48
C ALA B 44 2.96 41.44 -2.13
N ARG B 45 3.56 40.89 -1.07
CA ARG B 45 3.27 41.35 0.29
C ARG B 45 4.53 41.29 1.14
N ALA B 46 4.55 42.07 2.22
CA ALA B 46 5.75 42.31 2.99
C ALA B 46 6.06 41.22 4.01
N PHE B 47 7.32 41.15 4.42
CA PHE B 47 7.75 40.23 5.47
C PHE B 47 6.93 40.48 6.73
N ASP B 48 6.57 41.74 6.96
CA ASP B 48 6.01 42.16 8.23
C ASP B 48 4.49 42.13 8.32
N GLN B 49 3.79 42.00 7.19
CA GLN B 49 2.35 41.76 7.25
C GLN B 49 2.02 40.28 7.35
N ILE B 50 2.95 39.42 6.92
CA ILE B 50 2.76 37.99 7.07
C ILE B 50 3.59 37.39 8.21
N ASP B 51 4.24 38.25 8.99
CA ASP B 51 4.92 37.85 10.22
C ASP B 51 3.92 37.99 11.37
N ASN B 52 3.24 39.13 11.42
CA ASN B 52 2.11 39.32 12.32
C ASN B 52 0.95 38.52 11.74
N ALA B 53 1.00 37.20 11.90
CA ALA B 53 -0.04 36.32 11.36
C ALA B 53 -1.32 36.46 12.16
N PRO B 54 -2.47 36.47 11.48
CA PRO B 54 -3.77 36.53 12.15
C PRO B 54 -4.00 35.33 13.06
N GLU B 55 -4.84 35.50 14.06
CA GLU B 55 -5.30 34.36 14.84
C GLU B 55 -6.48 33.71 14.11
N GLU B 56 -6.40 32.41 13.92
CA GLU B 56 -7.50 31.67 13.31
C GLU B 56 -8.10 30.67 14.28
N LYS B 57 -9.33 30.25 14.01
CA LYS B 57 -10.07 29.38 14.90
C LYS B 57 -10.46 28.03 14.26
N ALA B 58 -9.88 26.95 14.77
CA ALA B 58 -10.28 25.61 14.37
C ALA B 58 -11.69 25.37 14.94
N ARG B 59 -11.74 25.03 16.22
CA ARG B 59 -13.02 25.06 16.94
C ARG B 59 -12.85 25.85 18.24
N GLY B 60 -11.95 25.39 19.09
CA GLY B 60 -11.47 26.22 20.20
C GLY B 60 -9.98 26.33 20.09
N ILE B 61 -9.41 25.49 19.22
CA ILE B 61 -7.98 25.48 18.96
C ILE B 61 -7.57 26.83 18.34
N THR B 62 -6.61 27.50 18.97
CA THR B 62 -6.15 28.75 18.42
C THR B 62 -4.93 28.49 17.57
N ILE B 63 -5.00 28.88 16.30
CA ILE B 63 -3.86 28.77 15.40
C ILE B 63 -3.61 30.09 14.68
N ASN B 64 -2.41 30.62 14.86
CA ASN B 64 -1.95 31.78 14.10
C ASN B 64 -1.26 31.37 12.81
N THR B 65 -1.68 32.02 11.75
CA THR B 65 -1.43 31.54 10.41
C THR B 65 -1.50 32.71 9.47
N SER B 66 -0.47 32.86 8.63
CA SER B 66 -0.55 33.78 7.51
C SER B 66 -0.84 32.99 6.24
N HIS B 67 -1.70 33.57 5.40
CA HIS B 67 -2.01 32.98 4.11
C HIS B 67 -1.68 33.95 2.97
N VAL B 68 -0.86 33.49 2.04
CA VAL B 68 -0.63 34.19 0.79
C VAL B 68 -0.79 33.21 -0.36
N GLU B 69 -0.72 33.74 -1.57
CA GLU B 69 -0.87 32.94 -2.77
C GLU B 69 -0.10 33.53 -3.94
N TYR B 70 0.39 32.67 -4.82
CA TYR B 70 1.20 33.10 -5.96
C TYR B 70 1.04 32.20 -7.20
N ASP B 71 1.30 32.77 -8.37
CA ASP B 71 1.14 32.02 -9.62
C ASP B 71 2.41 31.76 -10.42
N THR B 72 2.62 30.48 -10.75
CA THR B 72 3.54 30.11 -11.80
C THR B 72 2.70 30.01 -13.07
N PRO B 73 3.36 29.88 -14.23
CA PRO B 73 2.64 29.91 -15.52
C PRO B 73 1.61 28.80 -15.69
N THR B 74 1.80 27.69 -14.99
CA THR B 74 0.89 26.57 -15.10
C THR B 74 0.02 26.35 -13.88
N ARG B 75 0.26 27.12 -12.81
CA ARG B 75 -0.29 26.78 -11.49
C ARG B 75 -0.63 27.96 -10.58
N HIS B 76 -1.61 27.73 -9.72
CA HIS B 76 -1.93 28.64 -8.62
C HIS B 76 -1.55 27.99 -7.30
N TYR B 77 -0.91 28.75 -6.42
CA TYR B 77 -0.40 28.21 -5.16
C TYR B 77 -0.96 28.94 -3.94
N ALA B 78 -1.49 28.16 -2.99
CA ALA B 78 -1.91 28.71 -1.72
C ALA B 78 -0.88 28.32 -0.67
N HIS B 79 -0.37 29.32 0.03
CA HIS B 79 0.83 29.15 0.83
C HIS B 79 0.57 29.60 2.27
N VAL B 80 0.84 28.72 3.22
CA VAL B 80 0.65 29.02 4.63
C VAL B 80 1.96 29.20 5.36
N ASP B 81 2.05 30.24 6.18
CA ASP B 81 3.22 30.46 7.02
C ASP B 81 2.80 30.73 8.47
N CYS B 82 3.42 30.01 9.40
CA CYS B 82 3.04 30.07 10.80
C CYS B 82 4.14 30.62 11.68
N PRO B 83 3.80 31.55 12.57
CA PRO B 83 4.81 32.25 13.36
C PRO B 83 5.54 31.38 14.38
N GLY B 84 4.91 30.28 14.78
CA GLY B 84 5.50 29.50 15.84
C GLY B 84 5.43 28.01 15.61
N HIS B 85 6.40 27.30 16.16
CA HIS B 85 6.44 25.84 16.08
C HIS B 85 5.12 25.19 16.46
N ALA B 86 4.51 25.69 17.52
CA ALA B 86 3.26 25.14 18.04
C ALA B 86 2.12 25.31 17.05
N ASP B 87 2.08 26.42 16.33
CA ASP B 87 1.06 26.62 15.32
C ASP B 87 1.20 25.57 14.22
N TYR B 88 2.43 25.16 13.96
CA TYR B 88 2.68 24.20 12.89
C TYR B 88 2.14 22.87 13.35
N VAL B 89 2.43 22.50 14.59
CA VAL B 89 1.89 21.25 15.11
C VAL B 89 0.39 21.23 14.94
N LYS B 90 -0.28 22.31 15.37
CA LYS B 90 -1.74 22.34 15.31
C LYS B 90 -2.27 22.31 13.90
N ASN B 91 -1.64 23.06 12.98
CA ASN B 91 -2.13 23.04 11.60
C ASN B 91 -1.92 21.65 10.95
N MET B 92 -0.75 21.06 11.16
CA MET B 92 -0.44 19.76 10.59
C MET B 92 -1.48 18.72 10.99
N ILE B 93 -1.78 18.68 12.28
CA ILE B 93 -2.61 17.64 12.83
C ILE B 93 -4.10 17.84 12.54
N THR B 94 -4.60 19.06 12.74
CA THR B 94 -6.04 19.29 12.66
C THR B 94 -6.46 19.26 11.19
N GLY B 95 -5.48 19.16 10.29
CA GLY B 95 -5.80 19.27 8.88
C GLY B 95 -6.19 20.69 8.48
N ALA B 96 -5.94 21.65 9.36
CA ALA B 96 -6.33 23.03 9.10
C ALA B 96 -5.63 23.55 7.83
N ALA B 97 -4.35 23.22 7.69
CA ALA B 97 -3.60 23.60 6.49
C ALA B 97 -3.86 22.62 5.35
N GLN B 98 -3.07 21.54 5.34
CA GLN B 98 -3.28 20.40 4.43
C GLN B 98 -2.49 20.52 3.14
N MET B 99 -1.19 20.27 3.23
CA MET B 99 -0.28 20.62 2.16
C MET B 99 -0.19 19.55 1.07
N ASP B 100 -0.22 19.99 -0.18
CA ASP B 100 0.10 19.12 -1.30
C ASP B 100 1.63 18.93 -1.36
N GLY B 101 2.34 20.01 -1.05
CA GLY B 101 3.77 19.92 -0.83
C GLY B 101 4.24 20.88 0.25
N ALA B 102 5.34 20.52 0.93
CA ALA B 102 5.93 21.38 1.95
C ALA B 102 7.31 21.86 1.53
N ILE B 103 7.61 23.13 1.79
CA ILE B 103 8.95 23.63 1.55
C ILE B 103 9.74 23.73 2.84
N LEU B 104 10.65 22.77 3.04
CA LEU B 104 11.55 22.80 4.17
C LEU B 104 12.62 23.88 3.98
N VAL B 105 12.57 24.91 4.82
CA VAL B 105 13.57 25.96 4.77
C VAL B 105 14.65 25.63 5.81
N VAL B 106 15.89 25.47 5.33
CA VAL B 106 17.06 25.17 6.19
C VAL B 106 18.16 26.23 6.00
N ALA B 107 18.60 26.84 7.10
CA ALA B 107 19.65 27.85 7.07
C ALA B 107 21.04 27.21 6.91
N ALA B 108 21.80 27.67 5.92
CA ALA B 108 23.15 27.13 5.69
C ALA B 108 24.02 27.40 6.92
N THR B 109 23.88 28.61 7.48
CA THR B 109 24.56 28.99 8.70
C THR B 109 24.55 27.89 9.79
N ASP B 110 23.52 27.05 9.79
CA ASP B 110 23.37 26.05 10.86
C ASP B 110 23.26 24.61 10.35
N GLY B 111 22.19 24.34 9.62
CA GLY B 111 21.86 22.97 9.27
C GLY B 111 20.65 22.49 10.04
N PRO B 112 20.32 21.21 9.92
CA PRO B 112 19.13 20.59 10.50
C PRO B 112 19.06 20.76 12.01
N MET B 113 18.53 21.88 12.45
CA MET B 113 18.22 22.08 13.85
C MET B 113 17.08 21.16 14.28
N PRO B 114 16.64 21.23 15.55
CA PRO B 114 15.63 20.27 16.02
C PRO B 114 14.20 20.35 15.42
N GLN B 115 13.75 21.55 15.04
CA GLN B 115 12.40 21.68 14.46
C GLN B 115 12.42 21.29 12.98
N THR B 116 13.62 21.27 12.43
CA THR B 116 13.84 20.74 11.09
C THR B 116 13.43 19.29 11.06
N ARG B 117 13.85 18.56 12.09
CA ARG B 117 13.57 17.14 12.20
C ARG B 117 12.10 16.96 12.57
N GLU B 118 11.63 17.83 13.46
CA GLU B 118 10.27 17.73 13.95
C GLU B 118 9.26 17.88 12.81
N HIS B 119 9.42 18.93 12.00
CA HIS B 119 8.52 19.20 10.90
C HIS B 119 8.56 18.13 9.80
N ILE B 120 9.72 17.57 9.52
CA ILE B 120 9.80 16.47 8.58
C ILE B 120 9.06 15.26 9.12
N LEU B 121 9.38 14.87 10.34
CA LEU B 121 8.66 13.78 11.00
C LEU B 121 7.14 14.03 10.95
N LEU B 122 6.73 15.18 11.49
CA LEU B 122 5.30 15.53 11.49
C LEU B 122 4.74 15.40 10.08
N GLY B 123 5.57 15.74 9.09
CA GLY B 123 5.14 15.65 7.70
C GLY B 123 4.78 14.24 7.29
N ARG B 124 5.51 13.24 7.81
CA ARG B 124 5.23 11.88 7.40
C ARG B 124 4.05 11.33 8.18
N GLN B 125 4.05 11.59 9.49
CA GLN B 125 2.95 11.18 10.33
C GLN B 125 1.63 11.69 9.77
N VAL B 126 1.65 12.93 9.26
CA VAL B 126 0.42 13.63 9.00
C VAL B 126 0.01 13.46 7.55
N GLY B 127 0.95 12.97 6.73
CA GLY B 127 0.64 12.63 5.36
C GLY B 127 1.16 13.59 4.30
N VAL B 128 1.96 14.58 4.66
CA VAL B 128 2.39 15.51 3.64
C VAL B 128 3.17 14.65 2.65
N PRO B 129 2.81 14.75 1.37
CA PRO B 129 3.23 13.77 0.38
C PRO B 129 4.66 13.97 -0.14
N TYR B 130 5.06 15.23 -0.30
CA TYR B 130 6.30 15.60 -0.97
C TYR B 130 6.96 16.83 -0.32
N ILE B 131 8.30 16.82 -0.30
CA ILE B 131 9.06 17.93 0.28
C ILE B 131 10.17 18.48 -0.62
N ILE B 132 10.21 19.80 -0.75
CA ILE B 132 11.24 20.49 -1.53
C ILE B 132 12.04 21.37 -0.58
N VAL B 133 13.38 21.28 -0.65
CA VAL B 133 14.21 22.06 0.27
C VAL B 133 14.75 23.34 -0.33
N PHE B 134 14.70 24.41 0.45
CA PHE B 134 15.36 25.68 0.10
C PHE B 134 16.41 25.98 1.17
N LEU B 135 17.67 25.80 0.81
CA LEU B 135 18.81 25.98 1.72
C LEU B 135 19.13 27.46 1.84
N ASN B 136 18.62 28.11 2.88
CA ASN B 136 18.65 29.57 2.95
C ASN B 136 19.90 30.12 3.61
N LYS B 137 20.02 31.45 3.64
CA LYS B 137 21.15 32.12 4.26
C LYS B 137 22.45 31.71 3.56
N CYS B 138 22.36 31.39 2.27
CA CYS B 138 23.54 31.00 1.52
C CYS B 138 24.39 32.23 1.15
N ASP B 139 23.87 33.42 1.46
CA ASP B 139 24.64 34.65 1.29
C ASP B 139 25.55 34.88 2.49
N MET B 140 25.49 33.98 3.46
CA MET B 140 26.29 34.10 4.69
C MET B 140 27.45 33.12 4.67
N VAL B 141 27.38 32.14 3.78
CA VAL B 141 28.42 31.12 3.71
C VAL B 141 29.24 31.23 2.43
N ASP B 142 30.52 31.51 2.57
CA ASP B 142 31.42 31.63 1.43
C ASP B 142 31.84 30.22 1.01
N ASP B 143 32.28 29.45 1.99
CA ASP B 143 32.78 28.09 1.76
C ASP B 143 31.67 27.26 1.15
N GLU B 144 31.64 27.22 -0.19
CA GLU B 144 30.53 26.60 -0.88
C GLU B 144 30.41 25.12 -0.54
N GLU B 145 31.52 24.46 -0.27
CA GLU B 145 31.50 23.01 -0.07
C GLU B 145 31.05 22.67 1.34
N LEU B 146 30.84 23.69 2.16
CA LEU B 146 30.17 23.51 3.44
C LEU B 146 28.67 23.24 3.19
N LEU B 147 28.10 24.00 2.26
CA LEU B 147 26.73 23.76 1.80
C LEU B 147 26.56 22.30 1.39
N GLU B 148 27.58 21.75 0.74
CA GLU B 148 27.56 20.35 0.33
C GLU B 148 27.43 19.45 1.54
N LEU B 149 27.82 19.96 2.70
CA LEU B 149 27.69 19.18 3.92
C LEU B 149 26.25 19.19 4.45
N VAL B 150 25.59 20.34 4.38
CA VAL B 150 24.20 20.41 4.82
C VAL B 150 23.34 19.44 4.01
N GLU B 151 23.42 19.56 2.68
CA GLU B 151 22.58 18.77 1.80
C GLU B 151 22.66 17.29 2.15
N MET B 152 23.88 16.81 2.41
CA MET B 152 24.05 15.39 2.66
C MET B 152 23.28 15.07 3.93
N GLU B 153 23.29 16.03 4.85
CA GLU B 153 22.63 15.87 6.14
C GLU B 153 21.13 15.99 5.95
N VAL B 154 20.74 17.04 5.21
CA VAL B 154 19.35 17.25 4.86
C VAL B 154 18.76 15.98 4.26
N ARG B 155 19.43 15.44 3.24
CA ARG B 155 18.95 14.25 2.53
C ARG B 155 18.95 12.98 3.38
N GLU B 156 19.88 12.89 4.32
CA GLU B 156 19.85 11.81 5.30
C GLU B 156 18.59 11.89 6.15
N LEU B 157 18.31 13.10 6.65
CA LEU B 157 17.20 13.33 7.56
C LEU B 157 15.86 13.03 6.88
N LEU B 158 15.65 13.63 5.71
CA LEU B 158 14.53 13.28 4.86
C LEU B 158 14.29 11.78 4.85
N SER B 159 15.26 11.05 4.33
CA SER B 159 15.12 9.61 4.10
C SER B 159 14.91 8.84 5.41
N GLN B 160 15.10 9.53 6.54
CA GLN B 160 14.96 8.89 7.84
C GLN B 160 13.48 8.68 8.16
N TYR B 161 12.62 9.38 7.44
CA TYR B 161 11.18 9.25 7.63
C TYR B 161 10.50 9.05 6.28
N ASP B 162 11.22 8.41 5.37
CA ASP B 162 10.68 7.86 4.13
C ASP B 162 10.72 8.75 2.91
N PHE B 163 10.91 10.04 3.10
CA PHE B 163 11.09 10.88 1.94
C PHE B 163 12.41 10.45 1.30
N PRO B 164 12.42 10.27 -0.03
CA PRO B 164 13.71 10.05 -0.70
C PRO B 164 14.52 11.35 -0.83
N GLY B 165 15.53 11.48 0.03
CA GLY B 165 16.27 12.72 0.10
C GLY B 165 17.22 12.89 -1.06
N ASP B 166 17.74 11.77 -1.57
CA ASP B 166 18.68 11.82 -2.67
C ASP B 166 17.93 12.06 -3.96
N ASP B 167 16.62 11.83 -3.91
CA ASP B 167 15.73 12.17 -5.02
C ASP B 167 15.22 13.60 -4.87
N THR B 168 15.23 14.07 -3.63
CA THR B 168 14.65 15.37 -3.31
C THR B 168 15.37 16.49 -4.02
N PRO B 169 14.59 17.40 -4.62
CA PRO B 169 15.14 18.69 -5.07
C PRO B 169 15.65 19.51 -3.89
N ILE B 170 16.69 20.31 -4.17
CA ILE B 170 17.23 21.30 -3.23
C ILE B 170 17.66 22.53 -4.01
N VAL B 171 17.54 23.71 -3.41
CA VAL B 171 17.88 24.94 -4.09
C VAL B 171 18.58 25.84 -3.09
N ARG B 172 19.79 26.27 -3.40
CA ARG B 172 20.57 27.06 -2.45
C ARG B 172 20.36 28.53 -2.78
N GLY B 173 19.80 29.28 -1.84
CA GLY B 173 19.40 30.65 -2.14
C GLY B 173 19.47 31.57 -0.94
N SER B 174 19.19 32.85 -1.16
CA SER B 174 19.11 33.82 -0.08
C SER B 174 17.80 34.56 -0.17
N ALA B 175 16.95 34.36 0.82
CA ALA B 175 15.60 34.88 0.73
C ALA B 175 15.61 36.36 0.96
N LEU B 176 16.48 36.84 1.84
CA LEU B 176 16.45 38.24 2.20
C LEU B 176 17.06 39.09 1.09
N LYS B 177 18.10 38.56 0.45
CA LYS B 177 18.76 39.27 -0.63
C LYS B 177 17.83 39.27 -1.84
N ALA B 178 17.38 38.07 -2.21
CA ALA B 178 16.36 37.92 -3.23
C ALA B 178 15.24 38.89 -2.93
N LEU B 179 14.85 38.96 -1.66
CA LEU B 179 13.70 39.77 -1.27
C LEU B 179 14.01 41.26 -1.45
N GLU B 180 15.27 41.61 -1.32
CA GLU B 180 15.66 43.01 -1.35
C GLU B 180 15.81 43.49 -2.80
N GLY B 181 15.79 42.54 -3.73
CA GLY B 181 15.76 42.88 -5.13
C GLY B 181 17.00 42.49 -5.92
N ASP B 182 18.03 41.99 -5.24
CA ASP B 182 19.27 41.63 -5.91
C ASP B 182 18.99 40.46 -6.84
N ALA B 183 19.00 40.74 -8.14
CA ALA B 183 18.56 39.77 -9.15
C ALA B 183 19.48 38.56 -9.21
N GLU B 184 20.55 38.59 -8.41
CA GLU B 184 21.47 37.46 -8.32
C GLU B 184 20.74 36.30 -7.67
N TRP B 185 20.03 36.62 -6.60
CA TRP B 185 19.44 35.60 -5.76
C TRP B 185 18.00 35.24 -6.14
N GLU B 186 17.24 36.23 -6.58
CA GLU B 186 15.93 36.00 -7.15
C GLU B 186 15.97 34.83 -8.10
N ALA B 187 17.14 34.57 -8.65
CA ALA B 187 17.29 33.49 -9.59
C ALA B 187 16.98 32.16 -8.90
N LYS B 188 17.42 32.02 -7.66
CA LYS B 188 17.21 30.75 -6.98
C LYS B 188 15.76 30.63 -6.49
N ILE B 189 15.07 31.76 -6.35
CA ILE B 189 13.66 31.74 -6.00
C ILE B 189 12.87 31.00 -7.07
N LEU B 190 12.72 31.60 -8.25
CA LEU B 190 11.90 30.93 -9.26
C LEU B 190 12.51 29.63 -9.74
N GLU B 191 13.74 29.36 -9.36
CA GLU B 191 14.27 28.02 -9.53
C GLU B 191 13.56 27.05 -8.57
N LEU B 192 13.21 27.54 -7.39
CA LEU B 192 12.35 26.80 -6.47
C LEU B 192 10.94 26.77 -7.04
N ALA B 193 10.46 27.95 -7.45
CA ALA B 193 9.15 28.09 -8.07
C ALA B 193 8.95 27.00 -9.10
N GLY B 194 9.93 26.83 -9.98
CA GLY B 194 9.83 25.79 -10.99
C GLY B 194 9.80 24.36 -10.46
N PHE B 195 10.30 24.15 -9.25
CA PHE B 195 10.30 22.81 -8.67
C PHE B 195 8.96 22.54 -8.00
N LEU B 196 8.31 23.62 -7.59
CA LEU B 196 6.90 23.60 -7.21
C LEU B 196 6.11 22.94 -8.35
N ASP B 197 6.29 23.47 -9.56
CA ASP B 197 5.61 22.95 -10.77
C ASP B 197 6.05 21.53 -11.14
N SER B 198 7.35 21.28 -11.05
CA SER B 198 7.97 20.08 -11.60
C SER B 198 7.88 18.89 -10.64
N TYR B 199 8.02 19.16 -9.34
CA TYR B 199 8.17 18.06 -8.41
C TYR B 199 6.84 17.69 -7.71
N ILE B 200 5.95 18.66 -7.55
CA ILE B 200 4.67 18.42 -6.86
C ILE B 200 3.49 18.13 -7.81
N PRO B 201 3.08 16.87 -7.91
CA PRO B 201 1.91 16.53 -8.74
C PRO B 201 0.64 17.23 -8.28
N GLU B 202 -0.17 17.64 -9.24
CA GLU B 202 -1.50 18.20 -8.95
C GLU B 202 -2.28 17.24 -8.04
N PRO B 203 -3.05 17.78 -7.09
CA PRO B 203 -3.86 16.99 -6.16
C PRO B 203 -4.97 16.20 -6.87
N GLU B 204 -5.10 14.91 -6.57
CA GLU B 204 -6.12 14.11 -7.23
C GLU B 204 -7.52 14.52 -6.77
N ARG B 205 -8.49 14.53 -7.68
CA ARG B 205 -9.86 14.90 -7.32
C ARG B 205 -10.55 13.83 -6.50
N ALA B 206 -11.61 14.24 -5.79
CA ALA B 206 -12.36 13.33 -4.96
C ALA B 206 -13.26 12.51 -5.88
N ILE B 207 -13.68 13.15 -6.96
CA ILE B 207 -14.54 12.53 -7.96
C ILE B 207 -13.83 11.33 -8.59
N ASP B 208 -12.50 11.34 -8.53
CA ASP B 208 -11.71 10.28 -9.15
C ASP B 208 -11.27 9.17 -8.21
N LYS B 209 -11.36 9.41 -6.91
CA LYS B 209 -11.07 8.39 -5.92
C LYS B 209 -12.21 7.39 -5.79
N PRO B 210 -11.94 6.21 -5.23
CA PRO B 210 -13.02 5.23 -5.09
C PRO B 210 -14.15 5.69 -4.16
N PHE B 211 -15.37 5.27 -4.50
CA PHE B 211 -16.57 5.77 -3.87
C PHE B 211 -16.56 5.48 -2.38
N LEU B 212 -16.96 6.47 -1.59
CA LEU B 212 -17.10 6.35 -0.14
C LEU B 212 -18.22 7.28 0.31
N LEU B 213 -19.16 6.75 1.08
CA LEU B 213 -20.22 7.56 1.66
C LEU B 213 -20.44 7.22 3.14
N PRO B 214 -20.12 8.16 4.05
CA PRO B 214 -20.44 7.98 5.47
C PRO B 214 -21.95 8.00 5.73
N ILE B 215 -22.47 6.93 6.28
CA ILE B 215 -23.91 6.83 6.49
C ILE B 215 -24.42 7.69 7.66
N GLU B 216 -25.31 8.60 7.35
CA GLU B 216 -25.94 9.42 8.37
C GLU B 216 -27.24 8.81 8.89
N ASP B 217 -28.25 8.69 8.03
CA ASP B 217 -29.51 8.10 8.45
C ASP B 217 -29.84 6.82 7.65
N VAL B 218 -30.82 6.07 8.13
CA VAL B 218 -31.21 4.81 7.49
C VAL B 218 -32.63 4.41 7.82
N PHE B 219 -33.33 3.90 6.81
CA PHE B 219 -34.74 3.55 6.96
C PHE B 219 -35.17 2.57 5.88
N SER B 220 -36.28 1.87 6.13
CA SER B 220 -36.70 0.76 5.28
C SER B 220 -37.67 1.18 4.19
N ILE B 221 -37.65 0.44 3.10
CA ILE B 221 -38.70 0.48 2.11
C ILE B 221 -39.12 -0.97 1.88
N SER B 222 -40.32 -1.30 2.32
CA SER B 222 -40.87 -2.65 2.19
C SER B 222 -40.94 -3.16 0.75
N GLY B 223 -40.39 -4.35 0.52
CA GLY B 223 -40.39 -4.92 -0.81
C GLY B 223 -39.19 -4.49 -1.66
N ARG B 224 -38.53 -3.41 -1.26
CA ARG B 224 -37.40 -2.88 -2.02
C ARG B 224 -36.06 -3.00 -1.28
N GLY B 225 -36.08 -2.81 0.04
CA GLY B 225 -34.83 -2.86 0.80
C GLY B 225 -34.60 -1.69 1.75
N THR B 226 -33.33 -1.42 2.07
CA THR B 226 -32.98 -0.36 3.02
C THR B 226 -32.23 0.81 2.37
N VAL B 227 -32.67 2.04 2.64
CA VAL B 227 -32.00 3.25 2.17
C VAL B 227 -31.01 3.75 3.23
N VAL B 228 -29.78 4.06 2.80
CA VAL B 228 -28.88 4.83 3.66
C VAL B 228 -28.57 6.15 2.97
N THR B 229 -28.40 7.20 3.77
CA THR B 229 -28.22 8.54 3.24
C THR B 229 -26.90 9.11 3.74
N GLY B 230 -26.38 10.06 2.99
CA GLY B 230 -25.27 10.86 3.46
C GLY B 230 -24.67 11.68 2.34
N ARG B 231 -23.60 12.30 2.54
CA ARG B 231 -22.88 12.95 1.58
C ARG B 231 -21.92 12.19 1.05
N VAL B 232 -21.82 11.98 -0.20
CA VAL B 232 -20.73 11.26 -0.86
C VAL B 232 -19.41 11.98 -0.57
N GLU B 233 -18.48 11.31 0.08
CA GLU B 233 -17.21 11.95 0.38
C GLU B 233 -16.29 11.96 -0.83
N ARG B 234 -16.19 10.80 -1.47
CA ARG B 234 -15.36 10.68 -2.67
C ARG B 234 -16.09 9.87 -3.73
N GLY B 235 -15.72 10.12 -4.98
CA GLY B 235 -16.13 9.26 -6.07
C GLY B 235 -17.56 9.45 -6.56
N ILE B 236 -18.11 8.36 -7.07
CA ILE B 236 -19.38 8.30 -7.77
C ILE B 236 -20.01 6.93 -7.45
N ILE B 237 -21.28 6.91 -7.04
CA ILE B 237 -22.00 5.64 -6.95
C ILE B 237 -23.00 5.53 -8.12
N LYS B 238 -22.91 4.44 -8.89
CA LYS B 238 -23.81 4.24 -10.04
C LYS B 238 -24.79 3.09 -9.80
N VAL B 239 -26.05 3.31 -10.19
CA VAL B 239 -27.08 2.29 -9.96
C VAL B 239 -26.66 0.98 -10.62
N GLY B 240 -26.85 -0.13 -9.92
CA GLY B 240 -26.41 -1.42 -10.42
C GLY B 240 -25.09 -1.90 -9.82
N GLU B 241 -24.22 -0.96 -9.48
CA GLU B 241 -22.93 -1.30 -8.91
C GLU B 241 -23.04 -1.98 -7.55
N GLU B 242 -22.05 -2.83 -7.25
CA GLU B 242 -21.96 -3.45 -5.94
C GLU B 242 -21.32 -2.50 -4.94
N VAL B 243 -21.64 -2.68 -3.67
CA VAL B 243 -21.10 -1.83 -2.63
C VAL B 243 -20.82 -2.60 -1.37
N GLU B 244 -19.79 -2.17 -0.64
CA GLU B 244 -19.54 -2.71 0.68
C GLU B 244 -19.98 -1.78 1.83
N ILE B 245 -20.69 -2.37 2.78
CA ILE B 245 -21.06 -1.76 4.05
C ILE B 245 -19.97 -2.03 5.09
N VAL B 246 -19.10 -1.05 5.33
CA VAL B 246 -17.89 -1.28 6.11
C VAL B 246 -17.90 -0.62 7.49
N GLY B 247 -17.33 -1.31 8.46
CA GLY B 247 -17.20 -0.75 9.79
C GLY B 247 -18.08 -1.43 10.79
N ILE B 248 -17.62 -1.42 12.04
CA ILE B 248 -18.37 -1.90 13.18
C ILE B 248 -18.64 -3.40 13.15
N LYS B 249 -19.67 -3.81 12.42
CA LYS B 249 -19.93 -5.22 12.23
C LYS B 249 -19.05 -5.73 11.11
N GLU B 250 -19.24 -6.98 10.74
CA GLU B 250 -18.45 -7.58 9.68
C GLU B 250 -18.93 -7.06 8.31
N THR B 251 -17.98 -6.89 7.39
CA THR B 251 -18.28 -6.25 6.12
C THR B 251 -19.32 -7.00 5.28
N GLN B 252 -20.55 -6.49 5.20
CA GLN B 252 -21.55 -7.04 4.26
C GLN B 252 -21.39 -6.40 2.89
N LYS B 253 -21.92 -7.06 1.87
CA LYS B 253 -21.85 -6.57 0.49
C LYS B 253 -23.24 -6.56 -0.15
N SER B 254 -23.43 -5.72 -1.17
CA SER B 254 -24.76 -5.44 -1.70
C SER B 254 -24.72 -4.75 -3.03
N THR B 255 -25.91 -4.50 -3.57
CA THR B 255 -26.03 -3.86 -4.86
C THR B 255 -26.90 -2.61 -4.76
N CYS B 256 -26.43 -1.53 -5.36
CA CYS B 256 -27.17 -0.29 -5.38
C CYS B 256 -28.35 -0.40 -6.33
N THR B 257 -29.54 -0.43 -5.76
CA THR B 257 -30.75 -0.53 -6.54
C THR B 257 -31.12 0.82 -7.14
N GLY B 258 -30.86 1.91 -6.42
CA GLY B 258 -31.07 3.23 -6.99
C GLY B 258 -30.57 4.35 -6.10
N VAL B 259 -30.68 5.57 -6.61
CA VAL B 259 -30.15 6.75 -5.92
C VAL B 259 -31.19 7.86 -5.98
N GLU B 260 -31.35 8.61 -4.90
CA GLU B 260 -32.29 9.72 -4.88
C GLU B 260 -31.78 10.94 -4.14
N MET B 261 -32.17 12.11 -4.61
CA MET B 261 -31.77 13.38 -4.00
C MET B 261 -32.98 14.29 -4.09
N PHE B 262 -33.31 15.00 -3.03
CA PHE B 262 -34.47 15.89 -3.05
C PHE B 262 -35.59 15.27 -3.89
N ARG B 263 -35.92 14.03 -3.58
CA ARG B 263 -37.04 13.32 -4.16
C ARG B 263 -36.97 13.04 -5.65
N LYS B 264 -35.83 13.32 -6.26
CA LYS B 264 -35.61 13.02 -7.66
C LYS B 264 -34.68 11.79 -7.84
N LEU B 265 -35.11 10.79 -8.62
CA LEU B 265 -34.23 9.66 -8.89
C LEU B 265 -33.07 10.00 -9.85
N LEU B 266 -31.87 9.63 -9.45
CA LEU B 266 -30.65 9.88 -10.22
C LEU B 266 -30.14 8.57 -10.76
N ASP B 267 -29.27 8.65 -11.76
CA ASP B 267 -28.58 7.46 -12.24
C ASP B 267 -27.25 7.26 -11.55
N GLU B 268 -26.84 8.26 -10.76
CA GLU B 268 -25.60 8.16 -9.97
C GLU B 268 -25.55 9.26 -8.92
N GLY B 269 -24.78 9.04 -7.87
CA GLY B 269 -24.42 10.12 -6.96
C GLY B 269 -22.93 10.42 -7.00
N ARG B 270 -22.59 11.70 -6.96
CA ARG B 270 -21.20 12.17 -7.11
C ARG B 270 -20.66 12.86 -5.84
N ALA B 271 -19.36 12.83 -5.66
CA ALA B 271 -18.72 13.48 -4.51
C ALA B 271 -19.30 14.88 -4.26
N GLY B 272 -19.65 15.18 -3.01
CA GLY B 272 -20.22 16.48 -2.69
C GLY B 272 -21.73 16.41 -2.43
N GLU B 273 -22.42 15.56 -3.17
CA GLU B 273 -23.88 15.42 -3.11
C GLU B 273 -24.36 14.71 -1.84
N ASN B 274 -25.44 15.19 -1.26
CA ASN B 274 -26.15 14.38 -0.27
C ASN B 274 -27.07 13.48 -1.09
N VAL B 275 -27.14 12.20 -0.76
CA VAL B 275 -28.04 11.35 -1.48
C VAL B 275 -28.67 10.31 -0.57
N GLY B 276 -29.59 9.54 -1.13
CA GLY B 276 -30.07 8.34 -0.49
C GLY B 276 -29.79 7.20 -1.45
N VAL B 277 -29.45 6.06 -0.89
CA VAL B 277 -29.01 4.93 -1.69
C VAL B 277 -29.79 3.71 -1.21
N LEU B 278 -30.54 3.12 -2.13
CA LEU B 278 -31.32 1.96 -1.78
C LEU B 278 -30.47 0.72 -2.02
N LEU B 279 -30.40 -0.11 -0.99
CA LEU B 279 -29.62 -1.35 -1.01
C LEU B 279 -30.56 -2.55 -1.03
N ARG B 280 -30.57 -3.32 -2.12
CA ARG B 280 -31.44 -4.49 -2.16
C ARG B 280 -30.90 -5.62 -1.27
N GLY B 281 -31.80 -6.36 -0.66
CA GLY B 281 -31.38 -7.43 0.22
C GLY B 281 -31.29 -7.04 1.69
N ILE B 282 -30.72 -5.87 1.95
CA ILE B 282 -30.33 -5.50 3.30
C ILE B 282 -31.53 -5.04 4.12
N LYS B 283 -31.53 -5.32 5.42
CA LYS B 283 -32.57 -4.76 6.31
C LYS B 283 -32.04 -3.83 7.40
N ARG B 284 -32.91 -2.97 7.90
CA ARG B 284 -32.49 -1.92 8.82
C ARG B 284 -31.43 -2.40 9.82
N GLU B 285 -31.66 -3.57 10.40
CA GLU B 285 -30.86 -4.10 11.51
C GLU B 285 -29.42 -4.35 11.17
N GLU B 286 -29.14 -4.63 9.90
CA GLU B 286 -27.78 -4.88 9.45
C GLU B 286 -26.94 -3.60 9.43
N ILE B 287 -27.59 -2.44 9.46
CA ILE B 287 -26.88 -1.17 9.42
C ILE B 287 -26.80 -0.53 10.80
N GLU B 288 -25.59 -0.13 11.21
CA GLU B 288 -25.35 0.55 12.48
C GLU B 288 -24.66 1.84 12.10
N ARG B 289 -24.95 2.92 12.82
CA ARG B 289 -24.41 4.19 12.37
C ARG B 289 -22.92 4.22 12.69
N GLY B 290 -22.14 4.86 11.83
CA GLY B 290 -20.68 4.74 11.92
C GLY B 290 -20.12 3.98 10.73
N GLN B 291 -20.97 3.23 10.05
CA GLN B 291 -20.55 2.51 8.87
C GLN B 291 -20.43 3.47 7.70
N VAL B 292 -19.60 3.08 6.73
CA VAL B 292 -19.61 3.76 5.45
C VAL B 292 -20.10 2.80 4.38
N LEU B 293 -20.51 3.37 3.24
CA LEU B 293 -20.68 2.63 2.01
C LEU B 293 -19.44 2.87 1.17
N ALA B 294 -18.96 1.84 0.47
CA ALA B 294 -17.71 1.96 -0.26
C ALA B 294 -17.67 1.05 -1.50
N LYS B 295 -16.89 1.44 -2.50
CA LYS B 295 -16.57 0.51 -3.56
C LYS B 295 -15.94 -0.72 -2.91
N PRO B 296 -16.42 -1.93 -3.24
CA PRO B 296 -15.96 -3.09 -2.47
C PRO B 296 -14.46 -3.30 -2.66
N GLY B 297 -13.80 -3.86 -1.65
CA GLY B 297 -12.37 -4.09 -1.75
C GLY B 297 -11.51 -2.83 -1.82
N THR B 298 -11.94 -1.78 -1.16
CA THR B 298 -11.22 -0.52 -1.27
C THR B 298 -10.93 0.20 0.05
N ILE B 299 -11.47 -0.31 1.15
CA ILE B 299 -11.13 0.25 2.44
C ILE B 299 -11.52 -0.72 3.54
N LYS B 300 -10.68 -0.82 4.57
CA LYS B 300 -10.83 -1.91 5.52
C LYS B 300 -11.19 -1.39 6.91
N PRO B 301 -11.97 -2.18 7.66
CA PRO B 301 -12.31 -1.85 9.04
C PRO B 301 -11.13 -2.22 9.95
N HIS B 302 -10.79 -1.32 10.87
CA HIS B 302 -9.67 -1.52 11.79
C HIS B 302 -10.12 -1.20 13.20
N THR B 303 -9.57 -1.90 14.19
CA THR B 303 -9.80 -1.49 15.56
C THR B 303 -8.56 -0.82 16.16
N LYS B 304 -7.43 -0.89 15.48
CA LYS B 304 -6.18 -0.45 16.10
C LYS B 304 -5.28 0.33 15.17
N PHE B 305 -4.81 1.49 15.62
CA PHE B 305 -4.05 2.37 14.77
C PHE B 305 -3.07 3.23 15.55
N GLU B 306 -2.04 3.73 14.86
CA GLU B 306 -1.11 4.73 15.37
C GLU B 306 -1.53 6.13 14.86
N SER B 307 -1.42 7.11 15.74
CA SER B 307 -1.83 8.47 15.41
C SER B 307 -0.96 9.55 16.05
N GLU B 308 -1.02 10.74 15.46
CA GLU B 308 -0.47 11.91 16.10
C GLU B 308 -1.68 12.70 16.58
N VAL B 309 -1.67 13.13 17.84
CA VAL B 309 -2.75 13.92 18.40
C VAL B 309 -2.26 15.17 19.10
N TYR B 310 -3.07 16.23 18.99
CA TYR B 310 -2.92 17.43 19.81
C TYR B 310 -3.96 17.50 20.92
N ILE B 311 -3.52 17.54 22.16
CA ILE B 311 -4.48 17.67 23.27
C ILE B 311 -4.80 19.16 23.52
N LEU B 312 -6.07 19.54 23.50
CA LEU B 312 -6.38 20.97 23.67
C LEU B 312 -5.95 21.44 25.08
N SER B 313 -5.63 22.73 25.20
CA SER B 313 -5.25 23.30 26.52
C SER B 313 -6.47 23.83 27.22
N LYS B 314 -6.32 24.15 28.50
CA LYS B 314 -7.46 24.64 29.27
C LYS B 314 -8.02 25.82 28.54
N ASP B 315 -7.12 26.70 28.11
CA ASP B 315 -7.51 27.89 27.40
C ASP B 315 -8.34 27.59 26.17
N GLU B 316 -8.03 26.52 25.46
CA GLU B 316 -8.79 26.21 24.25
C GLU B 316 -10.04 25.44 24.58
N GLY B 317 -10.27 25.25 25.88
CA GLY B 317 -11.51 24.64 26.32
C GLY B 317 -11.37 23.14 26.46
N GLY B 318 -10.14 22.65 26.46
CA GLY B 318 -9.96 21.22 26.68
C GLY B 318 -9.89 20.82 28.15
N ARG B 319 -9.32 19.65 28.42
CA ARG B 319 -9.10 19.17 29.79
C ARG B 319 -8.32 20.19 30.62
N HIS B 320 -8.54 20.16 31.94
CA HIS B 320 -7.83 21.05 32.87
C HIS B 320 -6.63 20.34 33.48
N THR B 321 -6.62 19.02 33.38
CA THR B 321 -5.62 18.20 34.05
C THR B 321 -5.08 17.17 33.07
N PRO B 322 -3.86 16.65 33.35
CA PRO B 322 -3.23 15.66 32.49
C PRO B 322 -4.07 14.39 32.43
N PHE B 323 -3.88 13.58 31.39
CA PHE B 323 -4.37 12.22 31.45
C PHE B 323 -3.25 11.17 31.41
N PHE B 324 -3.58 9.93 31.76
CA PHE B 324 -2.60 8.88 31.92
C PHE B 324 -3.03 7.66 31.10
N LYS B 325 -2.30 6.57 31.27
CA LYS B 325 -2.39 5.46 30.34
C LYS B 325 -3.73 4.72 30.35
N GLY B 326 -4.50 4.82 31.43
CA GLY B 326 -5.78 4.13 31.44
C GLY B 326 -6.86 4.97 30.77
N TYR B 327 -6.46 6.11 30.24
CA TYR B 327 -7.43 7.04 29.62
C TYR B 327 -8.30 6.32 28.57
N ARG B 328 -9.62 6.42 28.73
CA ARG B 328 -10.60 5.87 27.79
C ARG B 328 -11.54 6.92 27.17
N PRO B 329 -11.05 7.80 26.29
CA PRO B 329 -12.00 8.77 25.72
C PRO B 329 -12.83 8.20 24.52
N GLN B 330 -13.61 9.07 23.91
CA GLN B 330 -14.30 8.74 22.68
C GLN B 330 -13.50 9.28 21.49
N PHE B 331 -13.42 8.48 20.43
CA PHE B 331 -12.80 8.90 19.20
C PHE B 331 -13.89 9.09 18.14
N TYR B 332 -14.00 10.32 17.63
CA TYR B 332 -15.07 10.68 16.73
C TYR B 332 -14.58 10.64 15.29
N PHE B 333 -15.00 9.60 14.56
CA PHE B 333 -14.68 9.43 13.15
C PHE B 333 -15.97 9.61 12.36
N ARG B 334 -16.01 10.65 11.53
CA ARG B 334 -17.11 10.84 10.61
C ARG B 334 -18.40 11.13 11.31
N THR B 335 -19.13 10.10 11.71
CA THR B 335 -20.47 10.30 12.23
C THR B 335 -20.76 9.88 13.68
N THR B 336 -19.90 9.06 14.28
CA THR B 336 -20.11 8.68 15.69
C THR B 336 -18.88 8.67 16.59
N ASP B 337 -19.17 8.56 17.88
CA ASP B 337 -18.16 8.28 18.87
C ASP B 337 -17.91 6.79 18.91
N VAL B 338 -16.64 6.41 18.99
CA VAL B 338 -16.29 5.06 19.36
C VAL B 338 -15.31 5.10 20.54
N THR B 339 -15.61 4.33 21.59
CA THR B 339 -14.73 4.29 22.74
C THR B 339 -13.44 3.55 22.43
N GLY B 340 -12.34 4.08 22.93
CA GLY B 340 -11.05 3.44 22.75
C GLY B 340 -10.05 3.61 23.88
N THR B 341 -9.19 2.62 24.07
CA THR B 341 -8.10 2.71 25.01
C THR B 341 -6.83 3.13 24.30
N ILE B 342 -5.82 3.53 25.05
CA ILE B 342 -4.58 4.00 24.43
C ILE B 342 -3.30 3.38 25.03
N GLU B 343 -2.20 3.52 24.29
CA GLU B 343 -0.85 3.10 24.73
C GLU B 343 0.05 4.30 24.48
N LEU B 344 0.84 4.65 25.48
CA LEU B 344 1.61 5.89 25.43
C LEU B 344 2.99 5.64 24.89
N PRO B 345 3.65 6.68 24.38
CA PRO B 345 5.03 6.48 23.93
C PRO B 345 5.95 6.09 25.09
N GLU B 346 7.07 5.47 24.75
CA GLU B 346 7.98 4.95 25.75
C GLU B 346 8.52 6.05 26.64
N GLY B 347 8.38 5.85 27.95
CA GLY B 347 8.85 6.85 28.89
C GLY B 347 7.92 8.04 29.05
N VAL B 348 6.72 7.98 28.46
CA VAL B 348 5.72 8.99 28.75
C VAL B 348 4.71 8.52 29.79
N GLU B 349 4.61 9.31 30.84
CA GLU B 349 3.89 8.91 32.04
C GLU B 349 2.52 9.57 32.08
N MET B 350 2.42 10.78 31.54
CA MET B 350 1.14 11.47 31.45
C MET B 350 1.17 12.53 30.36
N VAL B 351 0.01 12.98 29.93
CA VAL B 351 -0.07 13.94 28.85
C VAL B 351 -0.75 15.21 29.34
N MET B 352 -0.07 16.34 29.23
CA MET B 352 -0.63 17.63 29.65
C MET B 352 -1.53 18.24 28.57
N PRO B 353 -2.50 19.09 28.99
CA PRO B 353 -3.26 19.94 28.03
C PRO B 353 -2.29 20.80 27.23
N GLY B 354 -2.42 20.80 25.92
CA GLY B 354 -1.48 21.52 25.09
C GLY B 354 -0.42 20.62 24.50
N ASP B 355 -0.27 19.40 25.00
CA ASP B 355 0.77 18.52 24.46
C ASP B 355 0.36 17.92 23.11
N ASN B 356 1.35 17.57 22.30
CA ASN B 356 1.13 16.65 21.21
C ASN B 356 1.98 15.40 21.44
N ILE B 357 1.42 14.22 21.17
CA ILE B 357 2.15 12.97 21.30
C ILE B 357 1.72 12.00 20.21
N LYS B 358 2.64 11.12 19.85
CA LYS B 358 2.34 9.95 19.05
C LYS B 358 1.54 9.05 19.97
N MET B 359 0.42 8.52 19.49
CA MET B 359 -0.47 7.72 20.34
C MET B 359 -1.02 6.50 19.57
N VAL B 360 -1.13 5.37 20.27
CA VAL B 360 -1.58 4.14 19.65
C VAL B 360 -2.93 3.79 20.25
N VAL B 361 -3.92 3.58 19.40
CA VAL B 361 -5.30 3.51 19.81
C VAL B 361 -5.91 2.16 19.44
N THR B 362 -6.71 1.63 20.36
CA THR B 362 -7.43 0.40 20.11
C THR B 362 -8.89 0.63 20.41
N LEU B 363 -9.68 0.71 19.35
CA LEU B 363 -11.12 0.92 19.44
C LEU B 363 -11.81 -0.33 19.95
N ILE B 364 -13.02 -0.16 20.47
CA ILE B 364 -13.81 -1.31 20.88
C ILE B 364 -14.68 -1.87 19.74
N HIS B 365 -14.95 -1.07 18.73
CA HIS B 365 -15.61 -1.53 17.50
C HIS B 365 -14.76 -1.10 16.31
N PRO B 366 -14.75 -1.90 15.25
CA PRO B 366 -13.97 -1.49 14.07
C PRO B 366 -14.56 -0.35 13.24
N ILE B 367 -13.68 0.53 12.73
CA ILE B 367 -14.01 1.66 11.85
C ILE B 367 -13.27 1.56 10.53
N ALA B 368 -13.94 1.91 9.44
CA ALA B 368 -13.32 2.02 8.14
C ALA B 368 -12.34 3.17 8.16
N MET B 369 -11.08 2.87 7.90
CA MET B 369 -10.06 3.91 7.89
C MET B 369 -8.87 3.52 7.04
N ASP B 370 -8.26 4.52 6.39
CA ASP B 370 -6.90 4.37 5.92
C ASP B 370 -6.06 5.50 6.53
N ASP B 371 -4.75 5.41 6.35
CA ASP B 371 -3.84 6.39 6.90
C ASP B 371 -4.32 7.78 6.49
N GLY B 372 -4.30 8.71 7.43
CA GLY B 372 -4.63 10.09 7.07
C GLY B 372 -6.01 10.58 7.51
N LEU B 373 -6.91 9.66 7.86
CA LEU B 373 -8.21 10.04 8.38
C LEU B 373 -8.02 10.93 9.62
N ARG B 374 -8.81 11.99 9.71
CA ARG B 374 -8.73 12.85 10.89
C ARG B 374 -9.83 12.44 11.86
N PHE B 375 -9.62 12.72 13.13
CA PHE B 375 -10.64 12.41 14.11
C PHE B 375 -10.55 13.38 15.28
N ALA B 376 -11.56 13.36 16.15
CA ALA B 376 -11.53 14.16 17.35
C ALA B 376 -11.53 13.26 18.58
N ILE B 377 -10.88 13.70 19.65
CA ILE B 377 -11.05 13.03 20.92
C ILE B 377 -12.04 13.80 21.80
N ARG B 378 -13.06 13.11 22.28
CA ARG B 378 -14.11 13.73 23.06
C ARG B 378 -14.35 13.01 24.40
N GLU B 379 -14.74 13.80 25.39
CA GLU B 379 -15.19 13.27 26.66
C GLU B 379 -16.52 13.93 26.96
N GLY B 380 -17.56 13.10 27.07
CA GLY B 380 -18.92 13.61 27.20
C GLY B 380 -19.29 14.71 26.22
N GLY B 381 -19.25 14.41 24.92
CA GLY B 381 -19.67 15.41 23.93
C GLY B 381 -18.72 16.58 23.72
N ARG B 382 -17.86 16.85 24.69
CA ARG B 382 -16.91 17.96 24.58
C ARG B 382 -15.59 17.50 23.94
N THR B 383 -15.14 18.23 22.94
CA THR B 383 -13.87 17.91 22.29
C THR B 383 -12.70 18.29 23.17
N VAL B 384 -11.70 17.43 23.25
CA VAL B 384 -10.52 17.68 24.09
C VAL B 384 -9.25 17.39 23.31
N GLY B 385 -9.38 16.84 22.12
CA GLY B 385 -8.19 16.55 21.35
C GLY B 385 -8.50 16.47 19.88
N ALA B 386 -7.48 16.76 19.06
CA ALA B 386 -7.56 16.47 17.64
C ALA B 386 -6.42 15.52 17.23
N GLY B 387 -6.74 14.53 16.40
CA GLY B 387 -5.71 13.61 15.94
C GLY B 387 -5.73 13.29 14.45
N VAL B 388 -4.67 12.64 13.96
CA VAL B 388 -4.64 12.10 12.60
C VAL B 388 -4.08 10.67 12.61
N VAL B 389 -4.65 9.81 11.77
CA VAL B 389 -4.22 8.41 11.64
C VAL B 389 -2.90 8.28 10.84
N ALA B 390 -1.82 7.92 11.53
CA ALA B 390 -0.51 7.79 10.92
C ALA B 390 -0.33 6.46 10.21
N LYS B 391 -0.83 5.40 10.85
CA LYS B 391 -0.54 4.04 10.42
C LYS B 391 -1.63 3.16 10.96
N VAL B 392 -2.32 2.44 10.08
CA VAL B 392 -3.30 1.47 10.55
C VAL B 392 -2.59 0.18 10.95
N LEU B 393 -3.10 -0.50 11.98
CA LEU B 393 -2.40 -1.63 12.54
C LEU B 393 -3.30 -2.86 12.65
N GLY B 394 -4.47 -2.81 12.00
CA GLY B 394 -5.35 -3.96 11.98
C GLY B 394 -6.80 -3.66 12.35
CA SER C 1 16.41 -24.96 23.39
C SER C 1 16.24 -26.42 23.10
N BB9 C 2 16.69 -27.07 21.99
CA BB9 C 2 16.37 -28.50 21.96
C BB9 C 2 16.76 -29.40 20.82
O BB9 C 2 16.75 -30.64 20.93
CB BB9 C 2 15.69 -28.86 23.05
SG BB9 C 2 15.41 -27.52 24.14
N MEN C 3 17.07 -28.75 19.72
CA MEN C 3 17.36 -29.32 18.42
C MEN C 3 18.87 -29.60 18.25
CB MEN C 3 16.84 -28.47 17.22
CG MEN C 3 17.46 -27.07 17.07
OD1 MEN C 3 18.30 -26.63 17.85
ND2 MEN C 3 16.98 -26.43 15.98
CE2 MEN C 3 17.43 -25.09 15.62
N BB6 C 4 19.40 -30.05 17.10
CA BB6 C 4 20.85 -30.20 17.12
C BB6 C 4 21.53 -30.67 15.85
O BB6 C 4 22.74 -30.79 15.77
CB BB6 C 4 21.39 -29.87 18.32
SG BB6 C 4 20.13 -29.36 19.44
CD BB6 C 4 22.85 -29.89 18.75
N VAL C 5 20.71 -30.92 14.86
CA VAL C 5 21.08 -31.30 13.49
C VAL C 5 20.02 -30.67 12.60
N BB7 C 6 18.74 -30.58 12.89
CA BB7 C 6 17.94 -29.96 11.84
C BB7 C 6 16.47 -29.80 12.07
O BB7 C 6 15.75 -29.29 11.21
CB BB7 C 6 18.68 -29.60 10.75
SG BB7 C 6 20.36 -30.00 11.02
CB1 BB7 C 6 18.26 -28.93 9.44
OB2 BB7 C 6 17.60 -27.69 9.62
CB3 BB7 C 6 18.01 -26.63 8.77
N GLY C 7 16.01 -30.25 13.27
CA GLY C 7 14.61 -30.11 13.61
C GLY C 7 14.38 -28.74 14.27
N BB8 C 8 13.10 -28.50 14.60
CA BB8 C 8 12.63 -27.30 15.28
C BB8 C 8 13.04 -27.24 16.76
CB BB8 C 8 11.07 -27.33 15.29
OB BB8 C 8 10.53 -26.24 15.97
CG BB8 C 8 10.54 -27.31 13.84
CD1 BB8 C 8 11.08 -26.36 12.90
CE1 BB8 C 8 10.62 -26.30 11.55
CZ BB8 C 8 9.62 -27.20 11.11
CE2 BB8 C 8 9.08 -28.14 12.03
CD2 BB8 C 8 9.54 -28.19 13.39
N BB9 C 9 13.79 -26.29 17.25
CA BB9 C 9 14.00 -26.40 18.67
C BB9 C 9 14.80 -25.41 19.34
CB BB9 C 9 13.41 -27.45 19.22
SG BB9 C 9 12.54 -28.38 18.03
N BB9 C 10 15.01 -25.36 20.65
CA BB9 C 10 15.84 -24.22 21.06
C BB9 C 10 16.22 -23.94 22.43
CB BB9 C 10 16.22 -23.46 20.01
SG BB9 C 10 15.59 -24.07 18.51
N MH6 C 11 16.39 -22.63 22.71
CA MH6 C 11 16.74 -22.23 23.93
C MH6 C 11 16.92 -20.78 24.09
CB MH6 C 11 16.94 -23.16 24.98
N 9BB C 12 17.49 -20.19 25.16
O 9BB C 12 19.19 -16.20 25.11
O9 9BB C 12 20.57 -12.65 32.33
CA 9BB C 12 17.63 -18.74 25.07
CB 9BB C 12 17.14 -18.27 23.91
SG 9BB C 12 16.51 -19.54 22.89
O10 9BB C 12 21.54 -11.56 30.57
OXT 9BB C 12 19.34 -16.43 27.33
N13 9BB C 12 18.23 -17.97 26.19
C 9BB C 12 18.94 -16.82 26.12
C49 9BB C 12 20.06 -15.26 27.63
C50 9BB C 12 19.02 -14.19 28.04
C51 9BB C 12 19.59 -13.07 28.92
C52 9BB C 12 20.35 -13.64 30.15
C53 9BB C 12 21.53 -14.53 29.66
C54 9BB C 12 21.02 -15.69 28.77
C55 9BB C 12 20.90 -12.49 31.02
CA SER D 1 -36.22 9.47 0.62
C SER D 1 -36.69 10.54 1.51
N BB9 D 2 -36.29 11.83 1.49
CA BB9 D 2 -36.94 12.65 2.53
C BB9 D 2 -36.62 14.12 2.72
O BB9 D 2 -37.35 14.86 3.42
CB BB9 D 2 -37.80 11.94 3.28
SG BB9 D 2 -37.86 10.27 2.78
N MEN D 3 -35.51 14.49 2.10
CA MEN D 3 -34.88 15.83 2.15
C MEN D 3 -35.45 16.77 1.06
CB MEN D 3 -33.31 15.84 2.10
CG MEN D 3 -32.65 15.26 0.83
OD1 MEN D 3 -33.30 14.80 -0.12
ND2 MEN D 3 -31.31 15.34 0.87
CE2 MEN D 3 -30.47 14.87 -0.21
N BB6 D 4 -34.97 18.00 0.85
CA BB6 D 4 -35.64 18.71 -0.27
C BB6 D 4 -35.14 20.08 -0.58
O BB6 D 4 -35.54 20.76 -1.51
CB BB6 D 4 -36.59 17.97 -0.87
SG BB6 D 4 -36.72 16.41 -0.09
CD BB6 D 4 -37.46 18.30 -2.04
N VAL D 5 -34.21 20.47 0.28
CA VAL D 5 -33.63 21.80 0.42
C VAL D 5 -32.15 21.50 0.75
N BB7 D 6 -31.74 20.68 1.73
CA BB7 D 6 -30.29 20.57 1.81
C BB7 D 6 -29.66 19.69 2.85
O BB7 D 6 -28.45 19.60 2.91
CB BB7 D 6 -29.65 21.34 0.88
SG BB7 D 6 -30.81 22.19 -0.13
CB1 BB7 D 6 -28.18 21.52 0.61
OB2 BB7 D 6 -27.92 21.60 -0.80
CB3 BB7 D 6 -27.08 20.60 -1.34
N GLY D 7 -30.53 19.02 3.64
CA GLY D 7 -30.10 18.09 4.69
C GLY D 7 -30.00 16.65 4.16
N BB8 D 8 -29.60 15.77 5.08
CA BB8 D 8 -29.44 14.34 4.83
C BB8 D 8 -30.75 13.61 4.53
CB BB8 D 8 -28.86 13.69 6.11
OB BB8 D 8 -28.69 12.28 5.95
CG BB8 D 8 -27.51 14.26 6.50
CD1 BB8 D 8 -26.42 14.23 5.57
CE1 BB8 D 8 -25.14 14.76 5.92
CZ BB8 D 8 -24.93 15.31 7.21
CE2 BB8 D 8 -26.01 15.35 8.16
CD2 BB8 D 8 -27.29 14.82 7.79
N BB9 D 9 -30.98 12.99 3.38
CA BB9 D 9 -32.25 12.33 3.34
C BB9 D 9 -32.64 11.59 2.16
CB BB9 D 9 -32.98 12.48 4.47
SG BB9 D 9 -32.13 13.45 5.66
N BB9 D 10 -33.73 10.82 2.00
CA BB9 D 10 -33.81 10.17 0.71
C BB9 D 10 -34.87 9.31 0.25
CB BB9 D 10 -32.75 10.47 -0.06
SG BB9 D 10 -31.64 11.53 0.71
N MH6 D 11 -34.49 8.34 -0.57
CA MH6 D 11 -35.37 7.47 -1.09
C MH6 D 11 -34.82 6.51 -2.02
CB MH6 D 11 -36.75 7.52 -0.79
N 9BB D 12 -35.54 5.64 -2.76
O 9BB D 12 -33.81 4.04 -6.22
O9 9BB D 12 -41.33 2.34 -9.01
CA 9BB D 12 -34.74 4.84 -3.67
CB 9BB D 12 -33.43 5.15 -3.56
SG 9BB D 12 -33.11 6.38 -2.41
O10 9BB D 12 -40.60 4.24 -9.99
OXT 9BB D 12 -35.43 2.55 -6.48
N13 9BB D 12 -35.34 3.82 -4.58
C 9BB D 12 -34.79 3.51 -5.78
C49 9BB D 12 -36.69 2.80 -7.04
C50 9BB D 12 -36.56 3.51 -8.39
C51 9BB D 12 -37.96 3.97 -8.83
C52 9BB D 12 -38.92 2.75 -8.96
C53 9BB D 12 -38.94 1.87 -7.65
C54 9BB D 12 -37.49 1.47 -7.22
C55 9BB D 12 -40.35 3.22 -9.39
PB GDP E . 3.02 -21.73 -27.53
O1B GDP E . 1.82 -22.72 -27.37
O2B GDP E . 2.48 -20.30 -27.30
O3B GDP E . 4.10 -22.10 -26.58
O3A GDP E . 3.46 -21.85 -29.05
PA GDP E . 4.78 -22.22 -29.82
O1A GDP E . 5.99 -21.42 -29.38
O2A GDP E . 4.98 -23.73 -29.61
O5' GDP E . 4.59 -22.16 -31.37
C5' GDP E . 3.28 -22.05 -32.00
C4' GDP E . 3.42 -22.09 -33.55
O4' GDP E . 3.69 -20.81 -34.13
C3' GDP E . 4.53 -23.07 -34.07
O3' GDP E . 4.12 -23.67 -35.32
C2' GDP E . 5.70 -22.14 -34.25
O2' GDP E . 6.68 -22.54 -35.23
C1' GDP E . 5.04 -20.83 -34.60
N9 GDP E . 5.99 -19.83 -34.08
C8 GDP E . 6.11 -19.11 -32.86
N7 GDP E . 6.37 -17.79 -32.98
C5 GDP E . 6.39 -17.57 -34.44
C6 GDP E . 6.61 -16.35 -35.28
O6 GDP E . 6.91 -15.29 -34.76
N1 GDP E . 6.47 -16.51 -36.65
C2 GDP E . 6.15 -17.70 -37.28
N2 GDP E . 6.03 -17.75 -38.60
N3 GDP E . 5.99 -18.82 -36.53
C4 GDP E . 6.14 -18.74 -35.05
MG MG F . 4.21 -24.24 -25.23
PB GDP G . 11.34 32.27 10.35
O1B GDP G . 11.22 32.40 11.90
O2B GDP G . 11.82 30.85 9.96
O3B GDP G . 10.05 32.60 9.69
O3A GDP G . 12.46 33.30 10.02
PA GDP G . 12.51 34.64 9.22
O1A GDP G . 11.96 34.51 7.83
O2A GDP G . 11.74 35.67 10.07
O5' GDP G . 13.95 35.24 9.25
C5' GDP G . 14.60 35.41 10.56
C4' GDP G . 15.98 36.09 10.49
O4' GDP G . 16.88 35.61 9.47
C3' GDP G . 15.87 37.63 10.34
O3' GDP G . 16.71 38.31 11.29
C2' GDP G . 16.30 37.87 8.91
O2' GDP G . 17.04 39.08 8.69
C1' GDP G . 17.11 36.66 8.54
N9 GDP G . 16.78 36.45 7.13
C8 GDP G . 15.93 35.49 6.51
N7 GDP G . 16.46 34.81 5.47
C5 GDP G . 17.84 35.34 5.41
C6 GDP G . 18.98 35.03 4.51
O6 GDP G . 18.83 34.24 3.60
N1 GDP G . 20.16 35.68 4.79
C2 GDP G . 20.36 36.59 5.80
N2 GDP G . 21.54 37.15 5.98
N3 GDP G . 19.31 36.91 6.62
C4 GDP G . 18.01 36.25 6.38
MG MG H . 8.17 33.25 11.05
#